data_6F1H
#
_entry.id   6F1H
#
_cell.length_a   88.209
_cell.length_b   88.340
_cell.length_c   197.559
_cell.angle_alpha   90.000
_cell.angle_beta   90.000
_cell.angle_gamma   90.000
#
_symmetry.space_group_name_H-M   'P 21 21 21'
#
loop_
_entity.id
_entity.type
_entity.pdbx_description
1 polymer 'Complement C1r subcomponent'
2 polymer 'Complement C1s subcomponent'
3 branched 2-acetamido-2-deoxy-beta-D-glucopyranose-(1-4)-beta-D-galactopyranose-(1-4)-alpha-D-mannopyranose-(1-3)-[alpha-D-mannopyranose-(1-6)]beta-D-mannopyranose-(1-4)-2-acetamido-2-deoxy-beta-D-glucopyranose-(1-4)-2-acetamido-2-deoxy-beta-D-glucopyranose
4 branched beta-D-galactopyranose-(1-4)-2-acetamido-2-deoxy-beta-D-glucopyranose-(1-2)-alpha-D-mannopyranose-(1-3)-[alpha-D-mannopyranose-(1-6)]beta-D-mannopyranose-(1-4)-2-acetamido-2-deoxy-beta-D-glucopyranose-(1-4)-2-acetamido-2-deoxy-beta-D-glucopyranose
5 branched beta-D-mannopyranose-(1-4)-2-acetamido-2-deoxy-beta-D-glucopyranose-(1-4)-2-acetamido-2-deoxy-beta-D-glucopyranose
6 non-polymer 'CALCIUM ION'
7 non-polymer 'SODIUM ION'
8 non-polymer 2-acetamido-2-deoxy-beta-D-glucopyranose
9 non-polymer LYSINE
#
loop_
_entity_poly.entity_id
_entity_poly.type
_entity_poly.pdbx_seq_one_letter_code
_entity_poly.pdbx_strand_id
1 'polypeptide(L)'
;SIPIPQKLFGEVTSPLFPKPYPNNFETTTVITVPTGYRVKLVFQQFDLEPSEGCFYDYVKISADKKSLGRFCGQLGSPLG
NPPGKKEFMSQGNKMLLTFHTDFSNEENGTIMFYKGFLAYYQAVDLDECASRSKSGEEDPQPQCQHLCHNYVGGYFCSCR
PGYELQEDTHSCQAECSSELYTEASGYISSLEYPRSYPPDLRCNYSIRVERGLTLHLKFLEPFDIDDHQQVHCPYDQLQI
YANGKNIGEFCGKQRPPDLDTSSNAVDLLFFTDESGDSRGWKLRYTTEIIK
;
A,C
2 'polypeptide(L)'
;PTMYGEILSPNYPQAYPSEVEKSWDIEVPEGYGIHLYFTHLDIELSENCAYDSVQIISGDTEEGRLCGQRSSNNPHSPIV
EEFQVPYNKLQVIFKSDFSNEERFTGFAAYYVATDINECTDFVDVPCSHFCNNFIGGYFCSCPPEYFLHDDMKNCGVNCS
GDVFTALIGEIASPNYPKPYPENSRCEYQIRLEKGFQVVVTLRREDFDVEAADSAGNCLDSLVFVAGDRQFGPYCGHGFP
GPLNIETKSNALDIIFQTDLTGQKKGWKLRYHGDPM
;
D,B
#
loop_
_chem_comp.id
_chem_comp.type
_chem_comp.name
_chem_comp.formula
BMA D-saccharide, beta linking beta-D-mannopyranose 'C6 H12 O6'
CA non-polymer 'CALCIUM ION' 'Ca 2'
GAL D-saccharide, beta linking beta-D-galactopyranose 'C6 H12 O6'
MAN D-saccharide, alpha linking alpha-D-mannopyranose 'C6 H12 O6'
NA non-polymer 'SODIUM ION' 'Na 1'
NAG D-saccharide, beta linking 2-acetamido-2-deoxy-beta-D-glucopyranose 'C8 H15 N O6'
#
# COMPACT_ATOMS: atom_id res chain seq x y z
N SER A 1 19.90 4.17 24.18
CA SER A 1 20.67 3.13 24.86
C SER A 1 20.06 1.75 24.64
N ILE A 2 18.83 1.71 24.15
CA ILE A 2 18.16 0.44 23.86
C ILE A 2 17.58 0.44 22.44
N PRO A 3 18.41 0.55 21.39
CA PRO A 3 17.88 0.32 20.03
C PRO A 3 17.83 -1.15 19.67
N ILE A 4 16.65 -1.75 19.62
CA ILE A 4 16.51 -3.15 19.22
C ILE A 4 15.15 -3.35 18.56
N PRO A 5 15.05 -4.21 17.55
CA PRO A 5 13.77 -4.32 16.81
C PRO A 5 12.65 -4.92 17.65
N GLN A 6 12.93 -5.93 18.47
CA GLN A 6 11.91 -6.58 19.28
C GLN A 6 12.04 -6.07 20.71
N LYS A 7 11.41 -4.93 20.98
CA LYS A 7 11.48 -4.30 22.28
C LYS A 7 10.26 -3.41 22.45
N LEU A 8 9.56 -3.57 23.57
CA LEU A 8 8.31 -2.86 23.79
C LEU A 8 8.54 -1.42 24.23
N PHE A 9 9.30 -1.23 25.31
CA PHE A 9 9.59 0.08 25.85
C PHE A 9 11.11 0.27 25.92
N GLY A 10 11.54 1.32 26.58
CA GLY A 10 12.97 1.48 26.80
C GLY A 10 13.32 2.85 27.32
N GLU A 11 14.57 2.97 27.73
CA GLU A 11 15.14 4.18 28.31
C GLU A 11 16.21 4.74 27.39
N VAL A 12 16.22 6.06 27.23
CA VAL A 12 17.26 6.77 26.48
C VAL A 12 17.79 7.88 27.37
N THR A 13 19.09 7.83 27.65
CA THR A 13 19.72 8.81 28.53
C THR A 13 20.70 9.66 27.74
N SER A 14 20.97 10.85 28.28
CA SER A 14 22.09 11.64 27.81
C SER A 14 23.38 10.89 28.13
N PRO A 15 24.46 11.16 27.40
CA PRO A 15 25.73 10.51 27.71
C PRO A 15 26.19 10.82 29.12
N LEU A 16 26.77 9.81 29.77
CA LEU A 16 27.30 9.88 31.13
C LEU A 16 26.23 10.16 32.19
N PHE A 17 24.95 10.13 31.82
CA PHE A 17 23.91 10.47 32.77
C PHE A 17 23.96 9.52 33.96
N PRO A 18 23.85 10.02 35.21
CA PRO A 18 23.54 11.41 35.58
C PRO A 18 24.73 12.38 35.55
N LYS A 19 25.95 11.88 35.43
CA LYS A 19 27.12 12.76 35.38
C LYS A 19 26.99 13.75 34.23
N PRO A 20 27.32 15.02 34.44
CA PRO A 20 27.19 16.01 33.37
C PRO A 20 27.86 15.58 32.07
N TYR A 21 27.30 16.07 30.92
CA TYR A 21 27.69 15.64 29.60
C TYR A 21 28.90 16.43 29.10
N PRO A 22 29.74 15.79 28.28
CA PRO A 22 30.94 16.47 27.79
C PRO A 22 30.65 17.40 26.63
N ASN A 23 31.51 18.39 26.48
CA ASN A 23 31.40 19.35 25.39
C ASN A 23 31.82 18.71 24.07
N ASN A 24 31.48 19.39 22.97
CA ASN A 24 31.83 18.97 21.62
C ASN A 24 31.38 17.53 21.35
N PHE A 25 30.06 17.34 21.39
CA PHE A 25 29.51 15.99 21.30
C PHE A 25 28.16 16.02 20.61
N GLU A 26 27.96 15.10 19.66
CA GLU A 26 26.68 14.99 18.97
C GLU A 26 26.46 13.53 18.60
N THR A 27 25.40 12.93 19.15
CA THR A 27 25.11 11.52 18.93
C THR A 27 23.64 11.34 18.56
N THR A 28 23.39 10.54 17.52
CA THR A 28 22.05 10.25 17.04
C THR A 28 21.72 8.79 17.39
N THR A 29 20.66 8.61 18.17
CA THR A 29 20.16 7.28 18.52
C THR A 29 18.74 7.14 17.98
N VAL A 30 18.47 6.03 17.31
CA VAL A 30 17.20 5.83 16.60
C VAL A 30 16.43 4.71 17.30
N ILE A 31 15.22 5.02 17.74
CA ILE A 31 14.32 4.05 18.33
C ILE A 31 13.56 3.33 17.22
N THR A 32 13.43 2.01 17.36
CA THR A 32 12.74 1.19 16.36
C THR A 32 11.87 0.17 17.10
N VAL A 33 10.55 0.32 16.98
CA VAL A 33 9.59 -0.66 17.48
C VAL A 33 9.27 -1.60 16.33
N PRO A 34 8.71 -2.80 16.58
CA PRO A 34 8.41 -3.71 15.46
C PRO A 34 7.35 -3.17 14.51
N THR A 35 7.06 -3.95 13.46
CA THR A 35 6.15 -3.49 12.42
C THR A 35 4.75 -3.29 12.98
N GLY A 36 4.10 -2.20 12.57
CA GLY A 36 2.76 -1.91 13.01
C GLY A 36 2.66 -1.31 14.40
N TYR A 37 3.57 -0.40 14.75
CA TYR A 37 3.57 0.20 16.08
C TYR A 37 4.07 1.64 15.98
N ARG A 38 3.50 2.50 16.80
CA ARG A 38 3.95 3.87 16.98
C ARG A 38 4.88 3.97 18.18
N VAL A 39 5.62 5.07 18.26
CA VAL A 39 6.63 5.29 19.29
C VAL A 39 6.22 6.51 20.10
N LYS A 40 5.86 6.28 21.36
CA LYS A 40 5.60 7.37 22.30
C LYS A 40 6.80 7.55 23.22
N LEU A 41 7.03 8.79 23.66
CA LEU A 41 8.17 9.07 24.52
C LEU A 41 7.97 10.41 25.21
N VAL A 42 8.51 10.51 26.42
CA VAL A 42 8.50 11.74 27.21
C VAL A 42 9.84 11.90 27.91
N PHE A 43 10.03 13.06 28.51
CA PHE A 43 11.24 13.39 29.27
C PHE A 43 10.88 13.58 30.73
N GLN A 44 11.61 12.90 31.61
CA GLN A 44 11.45 13.11 33.05
C GLN A 44 12.31 14.26 33.53
N GLN A 45 13.63 14.12 33.39
CA GLN A 45 14.57 15.21 33.66
C GLN A 45 15.06 15.79 32.34
N PHE A 46 15.32 17.10 32.35
CA PHE A 46 15.81 17.78 31.17
C PHE A 46 16.62 18.99 31.63
N ASP A 47 17.93 18.95 31.42
CA ASP A 47 18.83 20.02 31.85
C ASP A 47 19.92 20.15 30.79
N LEU A 48 19.76 21.11 29.89
CA LEU A 48 20.71 21.38 28.83
C LEU A 48 21.20 22.82 28.90
N GLU A 49 22.17 23.14 28.06
CA GLU A 49 22.63 24.52 27.95
C GLU A 49 21.58 25.34 27.22
N PRO A 50 21.01 26.37 27.84
CA PRO A 50 19.99 27.17 27.17
C PRO A 50 20.59 28.13 26.15
N SER A 51 19.76 28.51 25.18
CA SER A 51 20.12 29.46 24.15
C SER A 51 18.85 29.85 23.39
N GLU A 52 18.71 31.15 23.12
CA GLU A 52 17.55 31.63 22.37
C GLU A 52 17.62 31.11 20.94
N GLY A 53 16.66 30.26 20.57
CA GLY A 53 16.73 29.53 19.33
C GLY A 53 17.55 28.27 19.39
N CYS A 54 18.08 27.91 20.55
CA CYS A 54 18.88 26.71 20.75
C CYS A 54 20.04 26.64 19.76
N PHE A 55 20.92 27.63 19.86
CA PHE A 55 22.10 27.66 18.99
C PHE A 55 23.25 26.84 19.57
N TYR A 56 23.42 26.85 20.89
CA TYR A 56 24.57 26.21 21.51
C TYR A 56 24.39 24.70 21.61
N ASP A 57 23.41 24.26 22.41
CA ASP A 57 23.12 22.86 22.63
C ASP A 57 21.66 22.59 22.31
N TYR A 58 21.34 21.35 21.97
CA TYR A 58 19.94 21.01 21.72
C TYR A 58 19.77 19.50 21.63
N VAL A 59 18.51 19.07 21.73
CA VAL A 59 18.08 17.73 21.41
C VAL A 59 17.13 17.83 20.23
N LYS A 60 17.47 17.16 19.14
CA LYS A 60 16.69 17.20 17.90
C LYS A 60 16.00 15.86 17.72
N ILE A 61 14.67 15.86 17.86
CA ILE A 61 13.86 14.67 17.67
C ILE A 61 13.06 14.83 16.38
N SER A 62 13.10 13.80 15.54
CA SER A 62 12.46 13.80 14.24
C SER A 62 11.69 12.50 14.04
N ALA A 63 10.51 12.62 13.44
CA ALA A 63 9.62 11.49 13.16
C ALA A 63 10.05 10.79 11.87
N ASP A 64 9.15 9.96 11.32
CA ASP A 64 9.38 9.22 10.08
C ASP A 64 10.15 10.02 9.04
N LYS A 65 9.56 11.12 8.55
CA LYS A 65 10.20 11.99 7.57
C LYS A 65 9.97 13.45 7.90
N LYS A 66 9.94 13.79 9.19
CA LYS A 66 9.65 15.15 9.60
C LYS A 66 10.28 15.41 10.97
N SER A 67 10.97 16.53 11.10
CA SER A 67 11.60 16.92 12.37
C SER A 67 10.52 17.53 13.27
N LEU A 68 10.21 16.84 14.36
CA LEU A 68 9.14 17.28 15.24
C LEU A 68 9.60 18.36 16.21
N GLY A 69 10.77 18.18 16.81
CA GLY A 69 11.21 19.10 17.84
C GLY A 69 12.71 19.30 17.83
N ARG A 70 13.12 20.48 18.33
CA ARG A 70 14.53 20.76 18.60
C ARG A 70 14.54 21.67 19.83
N PHE A 71 14.81 21.08 21.00
CA PHE A 71 14.57 21.76 22.26
C PHE A 71 15.82 21.73 23.14
N CYS A 72 15.96 22.75 23.98
CA CYS A 72 17.13 22.90 24.82
C CYS A 72 16.76 23.65 26.09
N GLY A 73 17.64 23.58 27.07
CA GLY A 73 17.47 24.31 28.31
C GLY A 73 17.14 23.41 29.49
N GLN A 74 16.52 24.01 30.49
CA GLN A 74 16.21 23.32 31.74
C GLN A 74 14.70 23.19 31.91
N LEU A 75 14.32 22.32 32.86
CA LEU A 75 12.94 21.89 33.00
C LEU A 75 12.00 23.05 33.30
N GLY A 76 12.41 23.98 34.16
CA GLY A 76 11.49 24.97 34.66
C GLY A 76 11.78 26.42 34.33
N SER A 77 13.02 26.73 33.97
CA SER A 77 13.38 28.12 33.71
C SER A 77 12.73 28.59 32.41
N PRO A 78 12.30 29.85 32.35
CA PRO A 78 11.67 30.37 31.12
C PRO A 78 12.68 30.69 30.04
N LEU A 79 13.90 30.16 30.18
CA LEU A 79 14.96 30.40 29.21
C LEU A 79 14.53 30.10 27.77
N GLY A 80 13.57 29.19 27.60
CA GLY A 80 13.05 28.92 26.27
C GLY A 80 13.20 27.49 25.79
N ASN A 81 12.14 26.95 25.19
CA ASN A 81 12.10 25.67 24.50
C ASN A 81 12.45 24.44 25.35
N PRO A 82 11.85 24.25 26.53
CA PRO A 82 11.96 22.94 27.19
C PRO A 82 10.77 22.08 26.86
N PRO A 83 10.98 20.77 26.63
CA PRO A 83 9.81 19.88 26.47
C PRO A 83 9.11 19.62 27.78
N GLY A 84 9.86 19.37 28.84
CA GLY A 84 9.32 19.19 30.16
C GLY A 84 8.75 17.80 30.39
N LYS A 85 7.54 17.55 29.88
CA LYS A 85 6.93 16.22 29.96
C LYS A 85 6.13 15.89 28.72
N LYS A 86 6.19 16.70 27.67
CA LYS A 86 5.23 16.60 26.58
C LYS A 86 5.40 15.30 25.80
N GLU A 87 4.27 14.79 25.32
CA GLU A 87 4.26 13.56 24.55
C GLU A 87 4.74 13.82 23.13
N PHE A 88 5.49 12.86 22.58
CA PHE A 88 6.03 12.96 21.23
C PHE A 88 5.85 11.59 20.55
N MET A 89 4.76 11.45 19.81
CA MET A 89 4.44 10.21 19.13
C MET A 89 4.88 10.27 17.67
N SER A 90 5.37 9.14 17.17
CA SER A 90 5.69 9.01 15.76
C SER A 90 4.51 8.40 15.00
N GLN A 91 4.62 8.38 13.68
CA GLN A 91 3.62 7.75 12.84
C GLN A 91 3.99 6.32 12.47
N GLY A 92 5.18 6.12 11.91
CA GLY A 92 5.69 4.79 11.62
C GLY A 92 6.24 4.12 12.86
N ASN A 93 7.24 3.26 12.64
CA ASN A 93 7.85 2.49 13.71
C ASN A 93 9.26 2.97 14.07
N LYS A 94 9.67 4.13 13.59
CA LYS A 94 11.02 4.64 13.80
C LYS A 94 10.97 6.07 14.27
N MET A 95 11.81 6.39 15.27
CA MET A 95 11.88 7.74 15.84
C MET A 95 13.34 8.11 16.00
N LEU A 96 13.79 9.15 15.28
CA LEU A 96 15.19 9.52 15.27
C LEU A 96 15.46 10.59 16.32
N LEU A 97 16.41 10.32 17.22
CA LEU A 97 16.80 11.24 18.26
C LEU A 97 18.25 11.68 18.03
N THR A 98 18.55 12.92 18.45
CA THR A 98 19.89 13.47 18.31
C THR A 98 20.17 14.38 19.49
N PHE A 99 21.43 14.39 19.94
CA PHE A 99 21.86 15.23 21.05
C PHE A 99 23.14 15.95 20.64
N HIS A 100 23.09 17.29 20.65
CA HIS A 100 24.20 18.11 20.17
C HIS A 100 24.63 19.11 21.23
N THR A 101 25.95 19.34 21.28
CA THR A 101 26.58 20.16 22.31
C THR A 101 27.88 20.73 21.74
N ASP A 102 28.00 22.06 21.74
CA ASP A 102 29.15 22.74 21.16
C ASP A 102 30.28 22.80 22.19
N PHE A 103 31.30 23.61 21.92
CA PHE A 103 32.51 23.61 22.71
C PHE A 103 32.38 24.31 24.07
N SER A 104 31.46 25.26 24.20
CA SER A 104 31.37 26.08 25.41
C SER A 104 30.02 25.87 26.09
N ASN A 105 30.05 25.35 27.32
CA ASN A 105 28.88 25.24 28.16
C ASN A 105 28.97 26.10 29.41
N GLU A 106 29.96 26.99 29.47
CA GLU A 106 30.22 27.81 30.65
C GLU A 106 29.84 29.25 30.30
N GLU A 107 28.57 29.57 30.47
CA GLU A 107 28.11 30.92 30.15
C GLU A 107 28.55 31.90 31.23
N ASN A 108 28.90 33.11 30.78
CA ASN A 108 29.22 34.23 31.68
C ASN A 108 30.47 33.98 32.52
N GLY A 109 31.52 33.46 31.88
CA GLY A 109 32.84 33.42 32.48
C GLY A 109 32.92 32.71 33.81
N THR A 110 32.00 31.79 34.09
CA THR A 110 32.05 30.97 35.28
C THR A 110 31.72 29.54 34.89
N ILE A 111 32.01 28.61 35.80
CA ILE A 111 31.80 27.20 35.52
C ILE A 111 30.34 26.83 35.76
N MET A 112 29.84 25.90 34.95
CA MET A 112 28.46 25.44 35.04
C MET A 112 28.39 23.96 34.73
N PHE A 113 27.51 23.25 35.43
CA PHE A 113 27.36 21.80 35.32
C PHE A 113 25.94 21.49 34.85
N TYR A 114 25.82 20.87 33.68
CA TYR A 114 24.53 20.51 33.10
C TYR A 114 24.44 18.99 33.00
N LYS A 115 23.39 18.42 33.58
CA LYS A 115 23.28 16.96 33.70
C LYS A 115 23.01 16.32 32.34
N GLY A 116 21.84 16.60 31.77
CA GLY A 116 21.39 15.90 30.58
C GLY A 116 19.89 15.70 30.54
N PHE A 117 19.44 14.48 30.25
CA PHE A 117 18.00 14.23 30.16
C PHE A 117 17.72 12.75 30.39
N LEU A 118 16.46 12.47 30.76
CA LEU A 118 15.96 11.11 30.93
C LEU A 118 14.71 10.94 30.07
N ALA A 119 14.85 10.22 28.97
CA ALA A 119 13.74 9.97 28.06
C ALA A 119 13.24 8.54 28.24
N TYR A 120 11.92 8.40 28.35
CA TYR A 120 11.26 7.09 28.39
C TYR A 120 10.42 6.94 27.13
N TYR A 121 10.46 5.75 26.52
CA TYR A 121 9.63 5.50 25.35
C TYR A 121 8.87 4.20 25.51
N GLN A 122 7.57 4.24 25.17
CA GLN A 122 6.72 3.07 25.06
C GLN A 122 6.33 2.85 23.60
N ALA A 123 5.96 1.62 23.29
CA ALA A 123 5.37 1.31 22.00
C ALA A 123 3.86 1.38 22.08
N VAL A 124 3.23 1.66 20.94
CA VAL A 124 1.77 1.74 20.85
C VAL A 124 1.35 0.98 19.58
N ASP A 125 0.11 0.49 19.59
CA ASP A 125 -0.48 -0.08 18.39
C ASP A 125 -1.18 1.01 17.59
N LEU A 126 -1.11 0.91 16.26
CA LEU A 126 -1.73 1.88 15.38
C LEU A 126 -3.05 1.33 14.84
N ASP A 127 -4.00 2.23 14.63
CA ASP A 127 -5.31 1.87 14.08
C ASP A 127 -5.20 1.87 12.57
N GLU A 128 -5.00 0.69 11.99
CA GLU A 128 -4.92 0.58 10.53
C GLU A 128 -6.22 1.03 9.86
N CYS A 129 -7.36 0.78 10.50
CA CYS A 129 -8.64 1.17 9.93
C CYS A 129 -8.73 2.68 9.73
N ALA A 130 -8.48 3.45 10.79
CA ALA A 130 -8.71 4.88 10.78
C ALA A 130 -7.81 5.64 9.81
N SER A 131 -6.82 4.97 9.20
CA SER A 131 -5.98 5.64 8.21
C SER A 131 -6.81 6.20 7.07
N ARG A 132 -7.61 5.34 6.43
CA ARG A 132 -8.60 5.74 5.43
C ARG A 132 -7.95 6.43 4.23
N SER A 133 -7.06 5.68 3.56
CA SER A 133 -6.57 6.06 2.24
C SER A 133 -7.41 5.28 1.22
N LYS A 134 -8.58 5.85 0.91
CA LYS A 134 -9.56 5.15 0.09
C LYS A 134 -9.03 4.88 -1.31
N SER A 135 -8.34 5.86 -1.88
CA SER A 135 -7.76 5.75 -3.22
C SER A 135 -6.24 5.89 -3.14
N GLY A 136 -5.56 5.18 -4.03
CA GLY A 136 -4.12 5.17 -4.05
C GLY A 136 -3.46 4.03 -3.31
N GLU A 137 -4.08 2.86 -3.26
CA GLU A 137 -3.49 1.66 -2.64
C GLU A 137 -3.52 0.56 -3.70
N GLU A 138 -2.49 0.53 -4.54
CA GLU A 138 -2.34 -0.50 -5.56
C GLU A 138 -1.19 -1.45 -5.28
N ASP A 139 -0.08 -0.96 -4.70
CA ASP A 139 1.00 -1.86 -4.31
C ASP A 139 0.58 -2.71 -3.12
N PRO A 140 0.18 -2.13 -1.96
CA PRO A 140 -0.55 -2.93 -0.97
C PRO A 140 -2.05 -2.77 -1.10
N GLN A 141 -2.82 -3.62 -0.41
CA GLN A 141 -4.26 -3.45 -0.25
C GLN A 141 -4.58 -3.46 1.23
N PRO A 142 -4.13 -2.45 1.98
CA PRO A 142 -4.24 -2.48 3.44
C PRO A 142 -5.59 -2.03 3.99
N GLN A 143 -6.60 -1.82 3.15
CA GLN A 143 -7.92 -1.42 3.61
C GLN A 143 -8.98 -2.30 2.96
N CYS A 144 -10.00 -2.63 3.74
CA CYS A 144 -11.01 -3.63 3.37
C CYS A 144 -12.32 -2.95 3.00
N GLN A 145 -13.19 -3.72 2.34
CA GLN A 145 -14.36 -3.14 1.70
C GLN A 145 -15.54 -2.98 2.66
N HIS A 146 -15.75 -3.95 3.55
CA HIS A 146 -16.92 -3.92 4.43
C HIS A 146 -16.54 -3.56 5.87
N LEU A 147 -15.67 -4.33 6.52
CA LEU A 147 -15.15 -3.81 7.78
C LEU A 147 -13.82 -4.46 8.11
N CYS A 148 -12.95 -3.67 8.73
CA CYS A 148 -11.67 -4.10 9.28
C CYS A 148 -11.77 -4.08 10.80
N HIS A 149 -10.69 -4.48 11.46
CA HIS A 149 -10.63 -4.52 12.90
C HIS A 149 -9.25 -4.06 13.37
N ASN A 150 -9.23 -3.20 14.37
CA ASN A 150 -7.99 -2.71 14.95
C ASN A 150 -7.71 -3.47 16.23
N TYR A 151 -6.65 -4.27 16.23
CA TYR A 151 -6.15 -4.91 17.43
C TYR A 151 -4.64 -4.72 17.49
N VAL A 152 -4.05 -5.16 18.60
CA VAL A 152 -2.64 -4.88 18.87
C VAL A 152 -1.76 -5.59 17.84
N GLY A 153 -0.81 -4.85 17.28
CA GLY A 153 0.10 -5.41 16.31
C GLY A 153 -0.45 -5.46 14.91
N GLY A 154 -1.36 -6.39 14.65
CA GLY A 154 -1.90 -6.61 13.33
C GLY A 154 -3.34 -6.15 13.20
N TYR A 155 -3.97 -6.61 12.11
CA TYR A 155 -5.37 -6.27 11.82
C TYR A 155 -5.95 -7.37 10.97
N PHE A 156 -7.24 -7.62 11.15
CA PHE A 156 -7.97 -8.61 10.36
C PHE A 156 -9.30 -8.01 9.94
N CYS A 157 -9.92 -8.62 8.93
CA CYS A 157 -11.11 -8.04 8.30
C CYS A 157 -12.27 -9.02 8.33
N SER A 158 -13.46 -8.48 8.05
CA SER A 158 -14.68 -9.27 8.00
C SER A 158 -15.71 -8.57 7.12
N CYS A 159 -16.66 -9.38 6.67
CA CYS A 159 -17.63 -9.03 5.63
C CYS A 159 -19.01 -8.79 6.24
N ARG A 160 -19.90 -8.24 5.43
CA ARG A 160 -21.27 -7.98 5.83
C ARG A 160 -22.05 -9.29 5.97
N PRO A 161 -23.17 -9.26 6.69
CA PRO A 161 -24.04 -10.45 6.78
C PRO A 161 -24.33 -11.06 5.41
N GLY A 162 -24.10 -12.36 5.30
CA GLY A 162 -24.37 -13.09 4.08
C GLY A 162 -23.23 -13.16 3.09
N TYR A 163 -22.04 -12.71 3.47
CA TYR A 163 -20.88 -12.70 2.58
C TYR A 163 -19.74 -13.47 3.20
N GLU A 164 -18.90 -14.04 2.34
CA GLU A 164 -17.74 -14.83 2.75
C GLU A 164 -16.45 -14.09 2.41
N LEU A 165 -15.44 -14.29 3.25
CA LEU A 165 -14.12 -13.68 3.06
C LEU A 165 -13.26 -14.61 2.22
N GLN A 166 -12.73 -14.10 1.11
CA GLN A 166 -11.92 -14.94 0.24
C GLN A 166 -10.48 -14.99 0.73
N GLU A 167 -9.62 -15.63 -0.06
CA GLU A 167 -8.30 -16.03 0.42
C GLU A 167 -7.45 -14.84 0.83
N ASP A 168 -7.52 -13.74 0.07
CA ASP A 168 -6.70 -12.57 0.37
C ASP A 168 -7.02 -11.94 1.71
N THR A 169 -8.14 -12.31 2.34
CA THR A 169 -8.58 -11.73 3.60
C THR A 169 -8.73 -10.21 3.51
N HIS A 170 -9.02 -9.71 2.32
CA HIS A 170 -9.18 -8.27 2.11
C HIS A 170 -10.47 -7.94 1.38
N SER A 171 -10.94 -8.85 0.53
CA SER A 171 -12.18 -8.67 -0.22
C SER A 171 -13.14 -9.82 0.07
N CYS A 172 -14.40 -9.63 -0.28
CA CYS A 172 -15.46 -10.56 0.06
C CYS A 172 -16.28 -10.92 -1.17
N GLN A 173 -16.72 -12.18 -1.21
CA GLN A 173 -17.69 -12.67 -2.17
C GLN A 173 -19.01 -12.91 -1.44
N ALA A 174 -20.02 -13.29 -2.20
CA ALA A 174 -21.31 -13.67 -1.63
C ALA A 174 -21.36 -15.19 -1.45
N GLU A 175 -21.93 -15.63 -0.33
CA GLU A 175 -22.09 -17.07 -0.12
C GLU A 175 -23.34 -17.56 -0.87
N CYS A 176 -24.51 -17.10 -0.44
CA CYS A 176 -25.78 -17.28 -1.15
C CYS A 176 -25.93 -18.68 -1.74
N SER A 177 -25.62 -19.71 -0.94
CA SER A 177 -25.81 -21.08 -1.39
C SER A 177 -26.86 -21.81 -0.55
N SER A 178 -26.64 -21.95 0.75
CA SER A 178 -27.61 -22.59 1.64
C SER A 178 -28.42 -21.55 2.41
N GLU A 179 -29.19 -20.75 1.66
CA GLU A 179 -30.08 -19.78 2.27
C GLU A 179 -31.41 -20.47 2.58
N LEU A 180 -31.64 -20.75 3.86
CA LEU A 180 -32.76 -21.58 4.30
C LEU A 180 -33.89 -20.74 4.87
N TYR A 181 -35.11 -21.21 4.66
CA TYR A 181 -36.30 -20.57 5.21
C TYR A 181 -37.31 -21.64 5.60
N THR A 182 -37.60 -21.73 6.90
CA THR A 182 -38.55 -22.70 7.44
C THR A 182 -39.68 -22.06 8.21
N GLU A 183 -39.70 -20.74 8.35
CA GLU A 183 -40.75 -20.07 9.11
C GLU A 183 -42.06 -20.07 8.32
N ALA A 184 -43.13 -19.69 9.01
CA ALA A 184 -44.47 -19.70 8.43
C ALA A 184 -44.59 -18.75 7.25
N SER A 185 -44.52 -17.45 7.51
CA SER A 185 -44.45 -16.43 6.48
C SER A 185 -42.98 -16.12 6.22
N GLY A 186 -42.71 -15.04 5.52
CA GLY A 186 -41.34 -14.57 5.42
C GLY A 186 -41.12 -13.75 4.17
N TYR A 187 -39.95 -13.08 4.15
CA TYR A 187 -39.54 -12.25 3.03
C TYR A 187 -38.23 -12.77 2.47
N ILE A 188 -38.15 -12.83 1.14
CA ILE A 188 -36.93 -13.22 0.45
C ILE A 188 -36.62 -12.16 -0.60
N SER A 189 -35.39 -11.65 -0.56
CA SER A 189 -34.98 -10.59 -1.47
C SER A 189 -33.58 -10.88 -1.99
N SER A 190 -33.32 -10.42 -3.21
CA SER A 190 -31.97 -10.51 -3.75
C SER A 190 -31.00 -9.70 -2.89
N LEU A 191 -29.75 -10.17 -2.84
CA LEU A 191 -28.76 -9.55 -1.96
C LEU A 191 -28.57 -8.08 -2.32
N GLU A 192 -28.61 -7.23 -1.30
CA GLU A 192 -28.46 -5.78 -1.45
C GLU A 192 -29.53 -5.21 -2.38
N TYR A 193 -30.78 -5.34 -1.94
CA TYR A 193 -32.00 -4.86 -2.58
C TYR A 193 -32.46 -3.55 -1.94
N PRO A 194 -32.92 -2.56 -2.72
CA PRO A 194 -33.06 -2.58 -4.18
C PRO A 194 -31.84 -2.10 -4.95
N ARG A 195 -30.65 -2.23 -4.37
CA ARG A 195 -29.45 -1.89 -5.11
C ARG A 195 -29.15 -3.00 -6.12
N SER A 196 -28.22 -2.71 -7.02
CA SER A 196 -27.89 -3.67 -8.08
C SER A 196 -27.38 -4.97 -7.47
N TYR A 197 -27.82 -6.09 -8.04
CA TYR A 197 -27.42 -7.38 -7.51
C TYR A 197 -26.00 -7.74 -7.98
N PRO A 198 -25.25 -8.47 -7.17
CA PRO A 198 -23.89 -8.86 -7.56
C PRO A 198 -23.90 -9.78 -8.76
N PRO A 199 -22.82 -9.82 -9.52
CA PRO A 199 -22.74 -10.70 -10.69
C PRO A 199 -22.10 -12.05 -10.35
N ASP A 200 -22.29 -13.00 -11.27
CA ASP A 200 -21.71 -14.34 -11.17
C ASP A 200 -22.13 -15.04 -9.87
N LEU A 201 -23.44 -15.29 -9.76
CA LEU A 201 -24.02 -15.89 -8.57
C LEU A 201 -24.75 -17.18 -8.92
N ARG A 202 -24.79 -18.09 -7.94
CA ARG A 202 -25.55 -19.34 -8.01
C ARG A 202 -26.27 -19.48 -6.68
N CYS A 203 -27.46 -18.92 -6.58
CA CYS A 203 -28.19 -18.86 -5.32
C CYS A 203 -29.28 -19.94 -5.28
N ASN A 204 -29.41 -20.59 -4.12
CA ASN A 204 -30.41 -21.62 -3.86
C ASN A 204 -31.19 -21.19 -2.62
N TYR A 205 -32.21 -20.36 -2.82
CA TYR A 205 -33.09 -19.94 -1.73
C TYR A 205 -34.10 -21.04 -1.48
N SER A 206 -33.85 -21.86 -0.45
CA SER A 206 -34.63 -23.05 -0.19
C SER A 206 -35.66 -22.76 0.89
N ILE A 207 -36.94 -22.96 0.57
CA ILE A 207 -38.03 -22.88 1.54
C ILE A 207 -38.53 -24.29 1.80
N ARG A 208 -38.53 -24.68 3.07
CA ARG A 208 -38.96 -26.02 3.49
C ARG A 208 -39.85 -25.85 4.71
N VAL A 209 -41.16 -25.86 4.50
CA VAL A 209 -42.12 -25.67 5.58
C VAL A 209 -42.62 -27.03 6.04
N GLU A 210 -43.28 -27.04 7.20
CA GLU A 210 -43.79 -28.28 7.78
C GLU A 210 -44.86 -28.89 6.88
N ARG A 211 -44.79 -30.21 6.71
CA ARG A 211 -45.68 -30.90 5.79
C ARG A 211 -47.14 -30.70 6.18
N GLY A 212 -47.99 -30.61 5.17
CA GLY A 212 -49.40 -30.28 5.38
C GLY A 212 -49.75 -28.85 5.10
N LEU A 213 -48.87 -28.09 4.46
CA LEU A 213 -49.12 -26.69 4.13
C LEU A 213 -48.87 -26.46 2.65
N THR A 214 -49.54 -25.45 2.11
CA THR A 214 -49.35 -25.00 0.74
C THR A 214 -48.77 -23.59 0.76
N LEU A 215 -47.88 -23.30 -0.17
CA LEU A 215 -47.13 -22.05 -0.17
C LEU A 215 -47.77 -21.05 -1.14
N HIS A 216 -47.79 -19.79 -0.73
CA HIS A 216 -48.27 -18.69 -1.55
C HIS A 216 -47.14 -17.68 -1.73
N LEU A 217 -46.72 -17.47 -2.97
CA LEU A 217 -45.62 -16.58 -3.30
C LEU A 217 -46.17 -15.31 -3.94
N LYS A 218 -45.81 -14.16 -3.36
CA LYS A 218 -46.28 -12.86 -3.85
C LYS A 218 -45.07 -11.99 -4.14
N PHE A 219 -44.88 -11.63 -5.41
CA PHE A 219 -43.74 -10.82 -5.81
C PHE A 219 -44.02 -9.34 -5.58
N LEU A 220 -42.96 -8.61 -5.25
CA LEU A 220 -43.03 -7.19 -4.92
C LEU A 220 -42.50 -6.34 -6.06
N GLU A 221 -42.99 -5.10 -6.13
CA GLU A 221 -42.39 -4.11 -7.01
C GLU A 221 -41.38 -3.28 -6.23
N PRO A 222 -40.23 -2.92 -6.83
CA PRO A 222 -39.85 -3.24 -8.21
C PRO A 222 -39.35 -4.68 -8.42
N PHE A 223 -39.29 -5.08 -9.69
CA PHE A 223 -38.77 -6.38 -10.10
C PHE A 223 -37.95 -6.12 -11.36
N ASP A 224 -36.65 -5.90 -11.18
CA ASP A 224 -35.77 -5.46 -12.27
C ASP A 224 -34.64 -6.46 -12.44
N ILE A 225 -34.64 -7.15 -13.58
CA ILE A 225 -33.58 -8.10 -13.93
C ILE A 225 -33.26 -7.91 -15.41
N ASP A 226 -31.96 -7.96 -15.74
CA ASP A 226 -31.52 -7.81 -17.13
C ASP A 226 -32.18 -8.84 -18.01
N ASP A 227 -33.07 -8.40 -18.90
CA ASP A 227 -33.83 -9.29 -19.77
C ASP A 227 -33.55 -8.94 -21.23
N HIS A 228 -34.27 -9.60 -22.13
CA HIS A 228 -34.12 -9.39 -23.56
C HIS A 228 -35.38 -9.88 -24.24
N GLN A 229 -35.91 -9.10 -25.19
CA GLN A 229 -37.20 -9.42 -25.79
C GLN A 229 -37.11 -10.47 -26.89
N GLN A 230 -35.92 -10.70 -27.45
CA GLN A 230 -35.78 -11.77 -28.44
C GLN A 230 -35.85 -13.14 -27.76
N VAL A 231 -34.90 -13.43 -26.88
CA VAL A 231 -34.90 -14.65 -26.07
C VAL A 231 -34.87 -14.22 -24.61
N HIS A 232 -35.82 -14.74 -23.84
CA HIS A 232 -36.00 -14.27 -22.47
C HIS A 232 -34.88 -14.80 -21.56
N CYS A 233 -34.33 -13.91 -20.74
CA CYS A 233 -33.28 -14.18 -19.76
C CYS A 233 -32.01 -14.75 -20.39
N PRO A 234 -31.28 -13.95 -21.19
CA PRO A 234 -29.98 -14.42 -21.70
C PRO A 234 -28.84 -14.23 -20.70
N TYR A 235 -28.88 -13.15 -19.93
CA TYR A 235 -27.80 -12.85 -18.99
C TYR A 235 -28.10 -13.37 -17.59
N ASP A 236 -29.20 -12.89 -17.01
CA ASP A 236 -29.62 -13.29 -15.68
C ASP A 236 -30.89 -14.13 -15.76
N GLN A 237 -31.00 -15.08 -14.85
CA GLN A 237 -32.16 -15.97 -14.79
C GLN A 237 -32.59 -16.13 -13.34
N LEU A 238 -33.91 -16.19 -13.13
CA LEU A 238 -34.48 -16.50 -11.82
C LEU A 238 -35.38 -17.72 -11.98
N GLN A 239 -34.78 -18.91 -11.89
CA GLN A 239 -35.55 -20.14 -11.99
C GLN A 239 -36.28 -20.41 -10.69
N ILE A 240 -37.44 -21.05 -10.78
CA ILE A 240 -38.24 -21.43 -9.63
C ILE A 240 -38.57 -22.91 -9.74
N TYR A 241 -38.08 -23.69 -8.79
CA TYR A 241 -38.45 -25.09 -8.63
C TYR A 241 -39.50 -25.20 -7.52
N ALA A 242 -40.52 -26.00 -7.77
CA ALA A 242 -41.53 -26.27 -6.75
C ALA A 242 -41.85 -27.75 -6.74
N ASN A 243 -41.82 -28.35 -5.56
CA ASN A 243 -42.08 -29.78 -5.39
C ASN A 243 -41.16 -30.62 -6.25
N GLY A 244 -39.91 -30.16 -6.40
CA GLY A 244 -38.90 -30.87 -7.12
C GLY A 244 -38.80 -30.55 -8.60
N LYS A 245 -39.78 -29.85 -9.16
CA LYS A 245 -39.82 -29.57 -10.59
C LYS A 245 -39.86 -28.06 -10.84
N ASN A 246 -39.21 -27.65 -11.93
CA ASN A 246 -39.20 -26.25 -12.34
C ASN A 246 -40.61 -25.78 -12.68
N ILE A 247 -40.91 -24.52 -12.34
CA ILE A 247 -42.24 -23.96 -12.59
C ILE A 247 -42.14 -22.61 -13.29
N GLY A 248 -40.92 -22.24 -13.72
CA GLY A 248 -40.77 -21.00 -14.44
C GLY A 248 -39.46 -20.28 -14.22
N GLU A 249 -38.88 -19.78 -15.32
CA GLU A 249 -37.64 -19.01 -15.30
C GLU A 249 -38.00 -17.56 -15.61
N PHE A 250 -37.83 -16.68 -14.63
CA PHE A 250 -38.31 -15.31 -14.71
C PHE A 250 -37.15 -14.32 -14.76
N CYS A 251 -37.42 -13.20 -15.44
CA CYS A 251 -36.55 -12.03 -15.49
C CYS A 251 -37.32 -10.93 -16.22
N GLY A 252 -36.91 -9.68 -16.00
CA GLY A 252 -37.55 -8.58 -16.68
C GLY A 252 -37.84 -7.37 -15.82
N LYS A 253 -38.90 -6.63 -16.16
CA LYS A 253 -39.26 -5.39 -15.50
C LYS A 253 -40.57 -5.45 -14.74
N GLN A 254 -41.58 -6.11 -15.28
CA GLN A 254 -42.86 -6.29 -14.59
C GLN A 254 -42.82 -7.57 -13.76
N ARG A 255 -43.41 -7.51 -12.57
CA ARG A 255 -43.28 -8.61 -11.63
C ARG A 255 -44.06 -9.83 -12.09
N PRO A 256 -43.56 -11.03 -11.79
CA PRO A 256 -44.28 -12.25 -12.16
C PRO A 256 -45.58 -12.38 -11.39
N PRO A 257 -46.50 -13.22 -11.85
CA PRO A 257 -47.79 -13.34 -11.14
C PRO A 257 -47.62 -14.00 -9.78
N ASP A 258 -48.57 -13.71 -8.90
CA ASP A 258 -48.61 -14.37 -7.60
C ASP A 258 -48.91 -15.86 -7.78
N LEU A 259 -48.08 -16.70 -7.17
CA LEU A 259 -48.10 -18.13 -7.40
C LEU A 259 -48.70 -18.87 -6.22
N ASP A 260 -49.43 -19.94 -6.51
CA ASP A 260 -49.93 -20.88 -5.51
C ASP A 260 -49.32 -22.23 -5.82
N THR A 261 -48.59 -22.80 -4.86
CA THR A 261 -47.72 -23.93 -5.14
C THR A 261 -48.40 -25.29 -4.92
N SER A 262 -49.24 -25.42 -3.90
CA SER A 262 -49.74 -26.71 -3.45
C SER A 262 -48.58 -27.63 -3.06
N SER A 263 -47.56 -27.04 -2.46
CA SER A 263 -46.35 -27.75 -2.08
C SER A 263 -45.83 -27.20 -0.76
N ASN A 264 -45.07 -28.04 -0.05
CA ASN A 264 -44.42 -27.64 1.19
C ASN A 264 -42.93 -27.43 1.02
N ALA A 265 -42.42 -27.47 -0.21
CA ALA A 265 -41.00 -27.38 -0.47
C ALA A 265 -40.78 -26.68 -1.80
N VAL A 266 -40.16 -25.51 -1.77
CA VAL A 266 -39.82 -24.79 -3.00
C VAL A 266 -38.36 -24.35 -2.93
N ASP A 267 -37.79 -24.11 -4.11
CA ASP A 267 -36.39 -23.69 -4.23
C ASP A 267 -36.29 -22.64 -5.32
N LEU A 268 -35.89 -21.43 -4.95
CA LEU A 268 -35.69 -20.35 -5.91
C LEU A 268 -34.21 -20.28 -6.26
N LEU A 269 -33.88 -20.64 -7.50
CA LEU A 269 -32.51 -20.56 -8.00
C LEU A 269 -32.30 -19.23 -8.71
N PHE A 270 -31.16 -18.59 -8.42
CA PHE A 270 -30.85 -17.28 -8.96
C PHE A 270 -29.48 -17.34 -9.63
N PHE A 271 -29.44 -17.08 -10.94
CA PHE A 271 -28.22 -17.08 -11.72
C PHE A 271 -27.99 -15.69 -12.28
N THR A 272 -26.78 -15.16 -12.08
CA THR A 272 -26.44 -13.82 -12.56
C THR A 272 -25.37 -13.87 -13.64
N ASP A 273 -25.37 -12.85 -14.48
CA ASP A 273 -24.33 -12.63 -15.47
C ASP A 273 -23.13 -12.00 -14.77
N GLU A 274 -22.21 -11.40 -15.52
CA GLU A 274 -21.04 -10.74 -14.95
C GLU A 274 -21.18 -9.21 -14.95
N SER A 275 -22.37 -8.70 -14.67
CA SER A 275 -22.58 -7.27 -14.54
C SER A 275 -23.90 -7.02 -13.83
N GLY A 276 -23.95 -5.93 -13.05
CA GLY A 276 -25.20 -5.56 -12.43
C GLY A 276 -25.67 -4.17 -12.80
N ASP A 277 -26.71 -4.09 -13.61
CA ASP A 277 -27.38 -2.84 -13.95
C ASP A 277 -28.78 -2.77 -13.37
N SER A 278 -29.53 -3.86 -13.48
CA SER A 278 -30.86 -3.94 -12.92
C SER A 278 -30.79 -4.03 -11.40
N ARG A 279 -31.96 -3.94 -10.77
CA ARG A 279 -32.03 -3.78 -9.32
C ARG A 279 -32.20 -5.11 -8.60
N GLY A 280 -33.28 -5.83 -8.88
CA GLY A 280 -33.45 -7.13 -8.28
C GLY A 280 -34.93 -7.45 -8.09
N TRP A 281 -35.22 -8.17 -7.00
CA TRP A 281 -36.55 -8.67 -6.73
C TRP A 281 -36.74 -8.86 -5.23
N LYS A 282 -38.00 -8.91 -4.82
CA LYS A 282 -38.36 -9.19 -3.44
C LYS A 282 -39.74 -9.83 -3.42
N LEU A 283 -39.94 -10.77 -2.49
CA LEU A 283 -41.18 -11.53 -2.44
C LEU A 283 -41.54 -11.86 -1.00
N ARG A 284 -42.83 -11.95 -0.75
CA ARG A 284 -43.38 -12.44 0.52
C ARG A 284 -43.95 -13.83 0.28
N TYR A 285 -43.54 -14.78 1.12
CA TYR A 285 -44.05 -16.15 1.05
C TYR A 285 -44.86 -16.44 2.31
N THR A 286 -46.08 -16.94 2.12
CA THR A 286 -46.98 -17.25 3.21
C THR A 286 -47.43 -18.69 3.11
N THR A 287 -47.99 -19.21 4.20
CA THR A 287 -48.41 -20.60 4.30
C THR A 287 -49.91 -20.68 4.54
N GLU A 288 -50.55 -21.62 3.86
CA GLU A 288 -51.96 -21.95 4.06
C GLU A 288 -52.05 -23.45 4.36
N ILE A 289 -53.20 -23.87 4.88
CA ILE A 289 -53.38 -25.24 5.34
C ILE A 289 -54.34 -25.96 4.40
N ILE A 290 -54.33 -27.29 4.49
CA ILE A 290 -55.24 -28.16 3.77
C ILE A 290 -55.92 -29.09 4.77
N LYS A 291 -56.80 -29.96 4.27
CA LYS A 291 -57.57 -30.84 5.13
C LYS A 291 -56.78 -32.09 5.49
N ILE B 4 0.50 -19.56 -12.92
CA ILE B 4 1.75 -19.47 -13.67
C ILE B 4 2.61 -18.34 -13.12
N PRO B 5 3.79 -18.67 -12.64
CA PRO B 5 4.70 -17.65 -12.11
C PRO B 5 5.71 -17.17 -13.14
N GLN B 6 5.82 -17.91 -14.24
CA GLN B 6 6.88 -17.68 -15.22
C GLN B 6 6.24 -17.82 -16.59
N LYS B 7 5.73 -16.71 -17.10
CA LYS B 7 5.11 -16.69 -18.42
C LYS B 7 5.58 -15.42 -19.10
N LEU B 8 6.70 -15.51 -19.82
CA LEU B 8 7.10 -14.41 -20.68
C LEU B 8 6.04 -14.15 -21.74
N PHE B 9 5.40 -15.22 -22.20
CA PHE B 9 4.39 -15.13 -23.25
C PHE B 9 3.35 -16.23 -23.05
N GLU B 11 0.50 -19.49 -24.22
CA GLU B 11 -0.65 -19.77 -25.08
C GLU B 11 -1.83 -20.28 -24.26
N VAL B 12 -3.01 -19.71 -24.51
CA VAL B 12 -4.27 -20.19 -23.94
C VAL B 12 -5.22 -20.47 -25.10
N THR B 13 -5.58 -21.73 -25.28
CA THR B 13 -6.37 -22.16 -26.42
C THR B 13 -7.75 -22.61 -25.97
N SER B 14 -8.67 -22.67 -26.94
CA SER B 14 -9.93 -23.35 -26.71
C SER B 14 -9.68 -24.85 -26.58
N PRO B 15 -10.54 -25.57 -25.87
CA PRO B 15 -10.34 -27.02 -25.73
C PRO B 15 -10.41 -27.70 -27.08
N LEU B 16 -9.56 -28.71 -27.25
CA LEU B 16 -9.47 -29.54 -28.44
C LEU B 16 -9.05 -28.77 -29.69
N PHE B 17 -8.65 -27.51 -29.54
CA PHE B 17 -8.27 -26.72 -30.70
C PHE B 17 -7.11 -27.40 -31.43
N PRO B 18 -7.14 -27.49 -32.77
CA PRO B 18 -8.12 -26.89 -33.69
C PRO B 18 -9.45 -27.64 -33.84
N LYS B 19 -9.51 -28.89 -33.40
CA LYS B 19 -10.75 -29.65 -33.52
C LYS B 19 -11.89 -28.89 -32.84
N PRO B 20 -13.07 -28.84 -33.46
CA PRO B 20 -14.20 -28.10 -32.86
C PRO B 20 -14.43 -28.48 -31.40
N TYR B 21 -14.91 -27.49 -30.63
CA TYR B 21 -15.05 -27.62 -29.19
C TYR B 21 -16.31 -28.39 -28.82
N PRO B 22 -16.28 -29.11 -27.70
CA PRO B 22 -17.46 -29.86 -27.26
C PRO B 22 -18.51 -28.96 -26.63
N ASN B 23 -19.75 -29.43 -26.70
CA ASN B 23 -20.86 -28.72 -26.09
C ASN B 23 -20.84 -28.90 -24.57
N ASN B 24 -21.57 -28.01 -23.88
CA ASN B 24 -21.77 -28.09 -22.44
C ASN B 24 -20.43 -28.05 -21.70
N PHE B 25 -19.74 -26.92 -21.83
CA PHE B 25 -18.39 -26.82 -21.29
C PHE B 25 -18.07 -25.40 -20.87
N GLU B 26 -17.50 -25.24 -19.68
CA GLU B 26 -17.09 -23.93 -19.18
C GLU B 26 -15.84 -24.11 -18.34
N THR B 27 -14.75 -23.45 -18.74
CA THR B 27 -13.47 -23.60 -18.06
C THR B 27 -12.81 -22.24 -17.92
N THR B 28 -12.29 -21.96 -16.71
CA THR B 28 -11.60 -20.71 -16.40
C THR B 28 -10.10 -20.99 -16.30
N THR B 29 -9.34 -20.46 -17.24
CA THR B 29 -7.88 -20.48 -17.18
C THR B 29 -7.39 -19.09 -16.78
N VAL B 30 -6.50 -19.04 -15.79
CA VAL B 30 -6.05 -17.78 -15.21
C VAL B 30 -4.60 -17.56 -15.60
N ILE B 31 -4.33 -16.41 -16.21
CA ILE B 31 -3.00 -15.99 -16.59
C ILE B 31 -2.38 -15.19 -15.44
N THR B 32 -1.15 -15.55 -15.08
CA THR B 32 -0.43 -14.85 -14.02
C THR B 32 0.99 -14.57 -14.51
N VAL B 33 1.37 -13.30 -14.51
CA VAL B 33 2.76 -12.91 -14.76
C VAL B 33 3.37 -12.59 -13.40
N PRO B 34 4.70 -12.55 -13.27
CA PRO B 34 5.29 -12.25 -11.95
C PRO B 34 4.95 -10.85 -11.47
N THR B 35 5.40 -10.51 -10.27
CA THR B 35 5.08 -9.23 -9.67
C THR B 35 5.67 -8.09 -10.50
N GLY B 36 4.89 -7.03 -10.67
CA GLY B 36 5.35 -5.88 -11.42
C GLY B 36 5.29 -6.05 -12.93
N TYR B 37 4.22 -6.64 -13.45
CA TYR B 37 4.07 -6.85 -14.88
C TYR B 37 2.60 -6.80 -15.25
N ARG B 38 2.32 -6.24 -16.42
CA ARG B 38 0.99 -6.23 -17.02
C ARG B 38 0.85 -7.41 -17.99
N VAL B 39 -0.39 -7.68 -18.38
CA VAL B 39 -0.71 -8.82 -19.23
C VAL B 39 -1.41 -8.32 -20.49
N LYS B 40 -0.72 -8.37 -21.62
CA LYS B 40 -1.32 -8.05 -22.91
C LYS B 40 -1.72 -9.33 -23.61
N LEU B 41 -2.79 -9.28 -24.40
CA LEU B 41 -3.23 -10.46 -25.13
C LEU B 41 -4.15 -10.05 -26.28
N VAL B 42 -4.09 -10.82 -27.36
CA VAL B 42 -4.95 -10.66 -28.53
C VAL B 42 -5.38 -12.04 -29.00
N PHE B 43 -6.29 -12.06 -29.98
CA PHE B 43 -6.82 -13.28 -30.56
C PHE B 43 -6.40 -13.38 -32.02
N GLN B 44 -5.83 -14.53 -32.39
CA GLN B 44 -5.50 -14.77 -33.79
C GLN B 44 -6.71 -15.29 -34.55
N GLN B 45 -7.18 -16.48 -34.18
CA GLN B 45 -8.40 -17.06 -34.73
C GLN B 45 -9.51 -16.95 -33.69
N PHE B 46 -10.74 -16.76 -34.18
CA PHE B 46 -11.89 -16.65 -33.28
C PHE B 46 -13.12 -17.14 -34.03
N ASP B 47 -13.65 -18.29 -33.62
CA ASP B 47 -14.84 -18.86 -34.26
C ASP B 47 -15.66 -19.52 -33.17
N LEU B 48 -16.72 -18.85 -32.74
CA LEU B 48 -17.62 -19.36 -31.72
C LEU B 48 -19.04 -19.35 -32.23
N GLU B 49 -19.93 -19.96 -31.46
CA GLU B 49 -21.36 -19.91 -31.79
C GLU B 49 -21.85 -18.48 -31.59
N PRO B 50 -22.27 -17.78 -32.64
CA PRO B 50 -22.65 -16.38 -32.47
C PRO B 50 -24.01 -16.24 -31.80
N SER B 51 -24.18 -15.11 -31.11
CA SER B 51 -25.41 -14.81 -30.40
C SER B 51 -25.50 -13.34 -30.04
N GLU B 52 -26.66 -12.73 -30.29
CA GLU B 52 -26.86 -11.32 -29.96
C GLU B 52 -26.88 -11.17 -28.44
N GLY B 53 -25.81 -10.60 -27.90
CA GLY B 53 -25.64 -10.55 -26.46
C GLY B 53 -24.88 -11.72 -25.86
N CYS B 54 -24.49 -12.70 -26.67
CA CYS B 54 -23.69 -13.85 -26.24
C CYS B 54 -24.39 -14.63 -25.11
N PHE B 55 -25.55 -15.19 -25.46
CA PHE B 55 -26.27 -16.06 -24.53
C PHE B 55 -25.78 -17.50 -24.60
N TYR B 56 -25.68 -18.06 -25.81
CA TYR B 56 -25.31 -19.45 -26.00
C TYR B 56 -23.90 -19.74 -25.51
N ASP B 57 -22.90 -19.17 -26.20
CA ASP B 57 -21.50 -19.40 -25.91
C ASP B 57 -20.80 -18.06 -25.81
N TYR B 58 -19.73 -18.01 -25.02
CA TYR B 58 -18.98 -16.76 -24.91
C TYR B 58 -17.60 -17.00 -24.31
N VAL B 59 -16.71 -16.05 -24.57
CA VAL B 59 -15.41 -15.96 -23.90
C VAL B 59 -15.46 -14.78 -22.95
N LYS B 60 -15.12 -15.03 -21.69
CA LYS B 60 -15.26 -14.06 -20.60
C LYS B 60 -13.87 -13.70 -20.09
N ILE B 61 -13.42 -12.50 -20.41
CA ILE B 61 -12.09 -12.03 -20.01
C ILE B 61 -12.25 -10.87 -19.04
N SER B 62 -11.58 -10.96 -17.89
CA SER B 62 -11.71 -10.00 -16.81
C SER B 62 -10.35 -9.70 -16.20
N ALA B 63 -10.08 -8.43 -15.96
CA ALA B 63 -8.84 -7.98 -15.34
C ALA B 63 -9.13 -7.36 -13.99
N ASP B 64 -8.30 -7.71 -13.00
CA ASP B 64 -8.19 -7.02 -11.70
C ASP B 64 -9.54 -6.53 -11.17
N LYS B 65 -10.40 -7.52 -10.91
CA LYS B 65 -11.75 -7.35 -10.35
C LYS B 65 -12.57 -6.40 -11.21
N LYS B 66 -12.52 -6.62 -12.52
CA LYS B 66 -13.42 -5.96 -13.46
C LYS B 66 -13.43 -6.74 -14.76
N SER B 67 -14.63 -7.05 -15.25
CA SER B 67 -14.76 -7.80 -16.50
C SER B 67 -14.59 -6.84 -17.68
N LEU B 68 -13.55 -7.08 -18.47
CA LEU B 68 -13.31 -6.22 -19.63
C LEU B 68 -14.19 -6.62 -20.81
N GLY B 69 -14.36 -7.92 -21.05
CA GLY B 69 -15.08 -8.35 -22.23
C GLY B 69 -15.80 -9.67 -22.03
N ARG B 70 -16.93 -9.81 -22.72
CA ARG B 70 -17.61 -11.09 -22.89
C ARG B 70 -18.04 -11.13 -24.35
N PHE B 71 -17.30 -11.89 -25.16
CA PHE B 71 -17.42 -11.79 -26.60
C PHE B 71 -17.64 -13.16 -27.23
N CYS B 72 -18.33 -13.16 -28.37
CA CYS B 72 -18.68 -14.39 -29.07
C CYS B 72 -18.85 -14.07 -30.55
N GLY B 73 -18.87 -15.12 -31.35
CA GLY B 73 -19.05 -14.99 -32.78
C GLY B 73 -17.84 -15.42 -33.58
N GLN B 74 -17.78 -14.96 -34.83
CA GLN B 74 -16.71 -15.29 -35.74
C GLN B 74 -15.93 -14.04 -36.12
N LEU B 75 -14.73 -14.27 -36.67
CA LEU B 75 -13.80 -13.18 -36.97
C LEU B 75 -14.41 -12.13 -37.90
N GLY B 76 -15.16 -12.57 -38.91
CA GLY B 76 -15.64 -11.66 -39.93
C GLY B 76 -17.13 -11.46 -39.99
N SER B 77 -17.90 -12.39 -39.41
CA SER B 77 -19.35 -12.34 -39.56
C SER B 77 -19.93 -11.21 -38.71
N PRO B 78 -20.90 -10.47 -39.22
CA PRO B 78 -21.58 -9.44 -38.44
C PRO B 78 -22.60 -10.07 -37.50
N LEU B 79 -23.35 -9.22 -36.81
CA LEU B 79 -24.35 -9.58 -35.80
C LEU B 79 -23.77 -10.34 -34.61
N GLY B 80 -22.46 -10.53 -34.55
CA GLY B 80 -21.81 -11.05 -33.36
C GLY B 80 -20.88 -10.00 -32.78
N ASN B 81 -20.30 -10.32 -31.63
CA ASN B 81 -19.36 -9.44 -30.92
C ASN B 81 -18.01 -10.12 -30.85
N PRO B 82 -17.24 -10.10 -31.94
CA PRO B 82 -15.93 -10.74 -31.93
C PRO B 82 -14.87 -9.77 -31.48
N PRO B 83 -13.89 -10.22 -30.70
CA PRO B 83 -12.72 -9.35 -30.45
C PRO B 83 -11.87 -9.19 -31.68
N GLY B 84 -11.67 -10.26 -32.44
CA GLY B 84 -10.94 -10.22 -33.68
C GLY B 84 -9.44 -10.25 -33.48
N LYS B 85 -8.85 -9.10 -33.16
CA LYS B 85 -7.45 -9.00 -32.81
C LYS B 85 -7.19 -7.96 -31.72
N LYS B 86 -8.22 -7.45 -31.07
CA LYS B 86 -8.07 -6.28 -30.21
C LYS B 86 -7.21 -6.59 -28.99
N GLU B 87 -6.45 -5.59 -28.57
CA GLU B 87 -5.58 -5.73 -27.40
C GLU B 87 -6.39 -5.65 -26.12
N PHE B 88 -6.08 -6.53 -25.17
CA PHE B 88 -6.72 -6.57 -23.87
C PHE B 88 -5.64 -6.65 -22.81
N MET B 89 -5.27 -5.49 -22.27
CA MET B 89 -4.19 -5.38 -21.29
C MET B 89 -4.75 -5.31 -19.89
N SER B 90 -4.04 -5.91 -18.94
CA SER B 90 -4.36 -5.83 -17.54
C SER B 90 -3.50 -4.75 -16.88
N GLN B 91 -3.86 -4.41 -15.64
CA GLN B 91 -3.09 -3.47 -14.83
C GLN B 91 -2.20 -4.21 -13.83
N GLY B 92 -2.77 -5.15 -13.08
CA GLY B 92 -2.00 -5.98 -12.19
C GLY B 92 -1.27 -7.08 -12.93
N ASN B 93 -0.98 -8.16 -12.21
CA ASN B 93 -0.22 -9.27 -12.76
C ASN B 93 -1.09 -10.50 -13.05
N LYS B 94 -2.40 -10.35 -13.08
CA LYS B 94 -3.30 -11.47 -13.29
C LYS B 94 -4.46 -11.09 -14.21
N MET B 95 -4.78 -11.99 -15.14
CA MET B 95 -5.88 -11.80 -16.09
C MET B 95 -6.66 -13.10 -16.16
N LEU B 96 -7.97 -13.03 -15.90
CA LEU B 96 -8.80 -14.22 -15.79
C LEU B 96 -9.56 -14.47 -17.10
N LEU B 97 -9.40 -15.65 -17.66
CA LEU B 97 -10.08 -16.07 -18.88
C LEU B 97 -11.06 -17.19 -18.56
N THR B 98 -12.19 -17.20 -19.27
CA THR B 98 -13.23 -18.19 -19.10
C THR B 98 -13.85 -18.49 -20.46
N PHE B 99 -14.28 -19.73 -20.65
CA PHE B 99 -14.88 -20.16 -21.91
C PHE B 99 -16.14 -20.96 -21.59
N HIS B 100 -17.28 -20.51 -22.14
CA HIS B 100 -18.58 -21.09 -21.84
C HIS B 100 -19.30 -21.49 -23.12
N THR B 101 -20.00 -22.63 -23.06
CA THR B 101 -20.63 -23.24 -24.21
C THR B 101 -21.82 -24.07 -23.73
N ASP B 102 -23.00 -23.78 -24.26
CA ASP B 102 -24.23 -24.42 -23.84
C ASP B 102 -24.42 -25.76 -24.57
N PHE B 103 -25.61 -26.34 -24.46
CA PHE B 103 -25.86 -27.68 -24.98
C PHE B 103 -26.00 -27.73 -26.50
N SER B 104 -26.33 -26.63 -27.15
CA SER B 104 -26.64 -26.62 -28.58
C SER B 104 -25.75 -25.64 -29.32
N ASN B 105 -25.07 -26.11 -30.35
CA ASN B 105 -24.31 -25.26 -31.27
C ASN B 105 -24.90 -25.25 -32.68
N GLU B 106 -25.96 -26.01 -32.92
CA GLU B 106 -26.47 -26.26 -34.27
C GLU B 106 -27.99 -26.18 -34.29
N GLU B 107 -28.57 -25.26 -33.51
CA GLU B 107 -30.02 -25.27 -33.34
C GLU B 107 -30.73 -24.80 -34.61
N ASN B 108 -30.37 -23.62 -35.12
CA ASN B 108 -30.93 -23.16 -36.38
C ASN B 108 -30.18 -23.71 -37.58
N GLY B 109 -28.86 -23.89 -37.46
CA GLY B 109 -28.09 -24.42 -38.56
C GLY B 109 -28.40 -25.88 -38.82
N THR B 110 -28.32 -26.27 -40.09
CA THR B 110 -28.50 -27.67 -40.46
C THR B 110 -27.38 -28.51 -39.85
N ILE B 111 -26.13 -28.15 -40.15
CA ILE B 111 -24.97 -28.55 -39.36
C ILE B 111 -24.17 -27.29 -39.05
N MET B 112 -23.48 -27.32 -37.92
CA MET B 112 -22.44 -26.35 -37.62
C MET B 112 -21.26 -27.09 -36.99
N PHE B 113 -20.05 -26.61 -37.28
CA PHE B 113 -18.84 -27.09 -36.66
C PHE B 113 -17.97 -25.89 -36.35
N TYR B 114 -17.90 -25.50 -35.07
CA TYR B 114 -17.20 -24.31 -34.63
C TYR B 114 -15.88 -24.70 -33.97
N LYS B 115 -14.79 -24.09 -34.42
CA LYS B 115 -13.45 -24.51 -34.00
C LYS B 115 -13.12 -24.05 -32.58
N GLY B 116 -13.04 -22.73 -32.37
CA GLY B 116 -12.59 -22.21 -31.09
C GLY B 116 -11.88 -20.88 -31.19
N PHE B 117 -10.70 -20.76 -30.58
CA PHE B 117 -9.95 -19.50 -30.63
C PHE B 117 -8.48 -19.76 -30.34
N LEU B 118 -7.64 -18.82 -30.76
CA LEU B 118 -6.21 -18.82 -30.50
C LEU B 118 -5.85 -17.52 -29.80
N ALA B 119 -5.66 -17.59 -28.48
CA ALA B 119 -5.31 -16.42 -27.68
C ALA B 119 -3.81 -16.41 -27.42
N TYR B 120 -3.16 -15.30 -27.78
CA TYR B 120 -1.74 -15.09 -27.56
C TYR B 120 -1.57 -13.95 -26.57
N TYR B 121 -0.71 -14.14 -25.56
CA TYR B 121 -0.52 -13.09 -24.57
C TYR B 121 0.96 -12.91 -24.24
N GLN B 122 1.39 -11.65 -24.19
CA GLN B 122 2.73 -11.26 -23.78
C GLN B 122 2.68 -10.59 -22.41
N ALA B 123 3.78 -10.70 -21.68
CA ALA B 123 3.96 -9.95 -20.45
C ALA B 123 4.55 -8.58 -20.77
N VAL B 124 4.23 -7.60 -19.92
CA VAL B 124 4.67 -6.22 -20.10
C VAL B 124 5.20 -5.71 -18.78
N ASP B 125 6.08 -4.71 -18.85
CA ASP B 125 6.52 -3.99 -17.65
C ASP B 125 5.61 -2.80 -17.40
N LEU B 126 5.36 -2.51 -16.13
CA LEU B 126 4.53 -1.38 -15.75
C LEU B 126 5.39 -0.23 -15.25
N ASP B 127 4.88 1.00 -15.44
CA ASP B 127 5.58 2.21 -15.05
C ASP B 127 5.12 2.59 -13.65
N GLU B 128 5.94 2.27 -12.64
CA GLU B 128 5.61 2.62 -11.27
C GLU B 128 5.57 4.14 -11.09
N CYS B 129 6.54 4.84 -11.66
CA CYS B 129 6.60 6.29 -11.60
C CYS B 129 5.27 6.92 -11.99
N ALA B 130 4.85 6.69 -13.24
CA ALA B 130 3.62 7.29 -13.73
C ALA B 130 2.39 6.77 -12.99
N SER B 131 2.51 5.62 -12.32
CA SER B 131 1.39 5.10 -11.55
C SER B 131 1.15 5.92 -10.30
N ARG B 132 2.19 6.11 -9.50
CA ARG B 132 1.97 6.79 -8.22
C ARG B 132 1.93 8.30 -8.35
N SER B 133 2.65 8.87 -9.32
CA SER B 133 2.86 10.32 -9.40
C SER B 133 1.93 11.00 -10.39
N LYS B 134 0.82 10.36 -10.76
CA LYS B 134 -0.05 10.94 -11.79
C LYS B 134 -1.03 11.96 -11.22
N SER B 135 -1.74 11.61 -10.14
CA SER B 135 -2.79 12.47 -9.63
C SER B 135 -3.04 12.18 -8.17
N GLY B 136 -3.30 13.23 -7.38
CA GLY B 136 -3.72 13.07 -6.00
C GLY B 136 -2.57 12.64 -5.10
N GLU B 137 -2.89 11.74 -4.17
CA GLU B 137 -1.90 11.10 -3.30
C GLU B 137 -1.16 12.12 -2.43
N GLU B 138 -1.92 12.75 -1.55
CA GLU B 138 -1.33 13.63 -0.54
C GLU B 138 -0.82 12.86 0.67
N ASP B 139 -1.47 11.74 1.01
CA ASP B 139 -1.05 10.94 2.15
C ASP B 139 0.28 10.24 1.84
N PRO B 140 0.99 9.76 2.86
CA PRO B 140 2.27 9.08 2.62
C PRO B 140 2.07 7.72 1.97
N GLN B 141 2.75 7.51 0.85
CA GLN B 141 2.71 6.28 0.08
C GLN B 141 4.14 5.84 -0.19
N PRO B 142 4.36 4.55 -0.51
CA PRO B 142 5.72 4.13 -0.89
C PRO B 142 6.11 4.70 -2.24
N GLN B 143 6.31 6.01 -2.29
CA GLN B 143 6.65 6.73 -3.50
C GLN B 143 8.03 7.36 -3.38
N CYS B 144 8.57 7.73 -4.53
CA CYS B 144 9.92 8.27 -4.65
C CYS B 144 9.89 9.79 -4.51
N GLN B 145 10.95 10.35 -3.92
CA GLN B 145 10.94 11.77 -3.58
C GLN B 145 11.30 12.65 -4.77
N HIS B 146 12.53 12.53 -5.27
CA HIS B 146 13.01 13.45 -6.31
C HIS B 146 12.78 12.91 -7.71
N LEU B 147 13.38 11.76 -8.04
CA LEU B 147 13.00 11.12 -9.30
C LEU B 147 13.20 9.62 -9.19
N CYS B 148 12.23 8.89 -9.73
CA CYS B 148 12.32 7.44 -9.88
C CYS B 148 12.70 7.13 -11.33
N HIS B 149 12.88 5.85 -11.61
CA HIS B 149 13.21 5.40 -12.95
C HIS B 149 12.38 4.17 -13.28
N ASN B 150 11.85 4.14 -14.50
CA ASN B 150 11.07 3.01 -14.98
C ASN B 150 11.96 2.14 -15.84
N TYR B 151 12.23 0.92 -15.36
CA TYR B 151 12.90 -0.10 -16.15
C TYR B 151 12.16 -1.42 -15.97
N VAL B 152 12.59 -2.42 -16.72
CA VAL B 152 11.85 -3.69 -16.78
C VAL B 152 11.87 -4.35 -15.41
N GLY B 153 10.70 -4.82 -14.97
CA GLY B 153 10.58 -5.49 -13.70
C GLY B 153 10.43 -4.56 -12.52
N GLY B 154 11.53 -3.89 -12.14
CA GLY B 154 11.57 -3.07 -10.96
C GLY B 154 11.78 -1.60 -11.27
N TYR B 155 12.17 -0.85 -10.23
CA TYR B 155 12.40 0.58 -10.35
C TYR B 155 13.41 0.98 -9.29
N PHE B 156 14.27 1.95 -9.63
CA PHE B 156 15.24 2.50 -8.71
C PHE B 156 15.17 4.02 -8.76
N CYS B 157 15.75 4.67 -7.76
CA CYS B 157 15.54 6.09 -7.56
C CYS B 157 16.86 6.85 -7.52
N SER B 158 16.75 8.16 -7.79
CA SER B 158 17.87 9.08 -7.72
C SER B 158 17.34 10.47 -7.40
N CYS B 159 18.26 11.34 -7.00
CA CYS B 159 17.94 12.63 -6.40
C CYS B 159 18.31 13.77 -7.32
N ARG B 160 17.79 14.94 -6.98
CA ARG B 160 18.10 16.17 -7.70
C ARG B 160 19.60 16.48 -7.56
N PRO B 161 20.19 17.17 -8.56
CA PRO B 161 21.59 17.60 -8.44
C PRO B 161 21.94 18.19 -7.07
N GLY B 162 22.95 17.63 -6.43
CA GLY B 162 23.39 18.10 -5.13
C GLY B 162 22.72 17.47 -3.95
N TYR B 163 21.95 16.39 -4.14
CA TYR B 163 21.23 15.73 -3.07
C TYR B 163 21.70 14.29 -2.94
N GLU B 164 21.60 13.76 -1.71
CA GLU B 164 22.01 12.40 -1.39
C GLU B 164 20.79 11.52 -1.16
N LEU B 165 20.89 10.27 -1.58
CA LEU B 165 19.81 9.30 -1.42
C LEU B 165 20.01 8.54 -0.10
N GLN B 166 18.98 8.54 0.73
CA GLN B 166 19.07 7.86 2.02
C GLN B 166 18.87 6.36 1.83
N GLU B 167 19.02 5.61 2.93
CA GLU B 167 19.05 4.15 2.87
C GLU B 167 17.80 3.57 2.22
N ASP B 168 16.63 4.19 2.46
CA ASP B 168 15.39 3.71 1.88
C ASP B 168 15.39 3.72 0.37
N THR B 169 16.35 4.41 -0.26
CA THR B 169 16.40 4.57 -1.72
C THR B 169 15.10 5.14 -2.27
N HIS B 170 14.41 5.95 -1.46
CA HIS B 170 13.17 6.57 -1.89
C HIS B 170 13.17 8.08 -1.61
N SER B 171 13.83 8.50 -0.55
CA SER B 171 13.85 9.90 -0.15
C SER B 171 15.28 10.42 -0.19
N CYS B 172 15.41 11.75 -0.24
CA CYS B 172 16.69 12.40 -0.43
C CYS B 172 16.87 13.53 0.58
N GLN B 173 18.09 13.66 1.08
CA GLN B 173 18.52 14.81 1.85
C GLN B 173 19.49 15.64 1.01
N ALA B 174 20.02 16.70 1.62
CA ALA B 174 21.06 17.50 0.99
C ALA B 174 22.42 17.10 1.53
N GLU B 175 23.40 17.02 0.64
CA GLU B 175 24.77 16.71 1.09
C GLU B 175 25.44 17.98 1.62
N CYS B 176 25.66 18.95 0.72
CA CYS B 176 26.07 20.31 1.06
C CYS B 176 27.16 20.36 2.14
N SER B 177 28.16 19.50 1.99
CA SER B 177 29.27 19.46 2.95
C SER B 177 30.57 19.91 2.30
N SER B 178 31.02 19.23 1.26
CA SER B 178 32.23 19.62 0.54
C SER B 178 31.85 20.38 -0.74
N GLU B 179 31.37 21.61 -0.56
CA GLU B 179 30.96 22.40 -1.72
C GLU B 179 32.16 23.23 -2.19
N LEU B 180 32.95 22.67 -3.10
CA LEU B 180 34.23 23.26 -3.47
C LEU B 180 34.08 24.27 -4.59
N TYR B 181 34.93 25.30 -4.55
CA TYR B 181 34.95 26.36 -5.56
C TYR B 181 36.40 26.82 -5.71
N THR B 182 37.00 26.56 -6.88
CA THR B 182 38.38 26.93 -7.15
C THR B 182 38.57 27.75 -8.42
N GLU B 183 37.50 28.04 -9.15
CA GLU B 183 37.61 28.77 -10.40
C GLU B 183 37.86 30.25 -10.14
N ALA B 184 38.19 30.97 -11.21
CA ALA B 184 38.51 32.39 -11.09
C ALA B 184 37.31 33.19 -10.61
N SER B 185 36.25 33.24 -11.41
CA SER B 185 34.99 33.85 -11.03
C SER B 185 34.02 32.76 -10.64
N GLY B 186 32.78 33.12 -10.37
CA GLY B 186 31.74 32.10 -10.26
C GLY B 186 30.55 32.59 -9.48
N TYR B 187 29.51 31.77 -9.50
CA TYR B 187 28.26 32.02 -8.80
C TYR B 187 28.03 30.94 -7.76
N ILE B 188 27.58 31.36 -6.58
CA ILE B 188 27.19 30.42 -5.52
C ILE B 188 25.79 30.81 -5.06
N SER B 189 24.89 29.83 -5.06
CA SER B 189 23.50 30.05 -4.67
C SER B 189 23.06 28.97 -3.70
N SER B 190 22.13 29.35 -2.83
CA SER B 190 21.52 28.37 -1.93
C SER B 190 20.79 27.31 -2.74
N LEU B 191 20.70 26.11 -2.17
CA LEU B 191 20.12 24.98 -2.89
C LEU B 191 18.66 25.25 -3.25
N GLU B 192 18.32 25.01 -4.51
CA GLU B 192 16.99 25.26 -5.05
C GLU B 192 16.60 26.72 -4.86
N TYR B 193 17.35 27.60 -5.53
CA TYR B 193 17.20 29.04 -5.55
C TYR B 193 16.51 29.49 -6.84
N PRO B 194 15.57 30.45 -6.77
CA PRO B 194 15.13 31.15 -5.56
C PRO B 194 13.95 30.50 -4.85
N ARG B 195 13.82 29.17 -4.95
CA ARG B 195 12.82 28.48 -4.17
C ARG B 195 13.26 28.42 -2.71
N SER B 196 12.33 28.00 -1.84
CA SER B 196 12.62 27.96 -0.42
C SER B 196 13.75 26.98 -0.13
N TYR B 197 14.61 27.32 0.85
CA TYR B 197 15.75 26.47 1.16
C TYR B 197 15.36 25.34 2.13
N PRO B 198 16.02 24.20 2.01
CA PRO B 198 15.69 23.06 2.90
C PRO B 198 16.07 23.36 4.33
N PRO B 199 15.41 22.73 5.30
CA PRO B 199 15.74 22.93 6.71
C PRO B 199 16.77 21.93 7.21
N ASP B 200 17.33 22.24 8.39
CA ASP B 200 18.29 21.38 9.08
C ASP B 200 19.51 21.10 8.21
N LEU B 201 20.24 22.17 7.89
CA LEU B 201 21.41 22.08 7.03
C LEU B 201 22.61 22.71 7.72
N ARG B 202 23.79 22.13 7.45
CA ARG B 202 25.07 22.65 7.92
C ARG B 202 25.98 22.67 6.70
N CYS B 203 25.96 23.78 5.96
CA CYS B 203 26.57 23.87 4.64
C CYS B 203 27.94 24.52 4.70
N ASN B 204 28.86 23.98 3.89
CA ASN B 204 30.24 24.43 3.80
C ASN B 204 30.55 24.66 2.31
N TYR B 205 30.46 25.93 1.91
CA TYR B 205 30.83 26.38 0.56
C TYR B 205 32.22 26.98 0.63
N SER B 206 33.23 26.19 0.27
CA SER B 206 34.62 26.60 0.37
C SER B 206 35.12 27.19 -0.94
N ILE B 207 35.84 28.30 -0.82
CA ILE B 207 36.48 28.97 -1.94
C ILE B 207 37.98 28.95 -1.70
N ARG B 208 38.71 28.28 -2.59
CA ARG B 208 40.16 28.15 -2.51
C ARG B 208 40.74 28.56 -3.86
N VAL B 209 41.23 29.79 -3.96
CA VAL B 209 41.82 30.29 -5.19
C VAL B 209 43.34 30.25 -5.08
N GLU B 210 44.01 30.42 -6.22
CA GLU B 210 45.46 30.41 -6.26
C GLU B 210 46.04 31.48 -5.34
N ARG B 211 47.05 31.11 -4.56
CA ARG B 211 47.69 32.06 -3.66
C ARG B 211 48.28 33.22 -4.45
N GLY B 212 48.06 34.43 -3.94
CA GLY B 212 48.38 35.64 -4.66
C GLY B 212 47.18 36.35 -5.26
N LEU B 213 45.98 36.06 -4.78
CA LEU B 213 44.76 36.68 -5.28
C LEU B 213 43.88 37.07 -4.11
N THR B 214 43.10 38.13 -4.31
CA THR B 214 42.12 38.58 -3.33
C THR B 214 40.71 38.39 -3.88
N LEU B 215 39.78 38.08 -3.00
CA LEU B 215 38.42 37.76 -3.38
C LEU B 215 37.50 38.96 -3.21
N HIS B 216 36.63 39.16 -4.20
CA HIS B 216 35.61 40.21 -4.17
C HIS B 216 34.25 39.53 -4.21
N LEU B 217 33.45 39.74 -3.17
CA LEU B 217 32.16 39.09 -3.01
C LEU B 217 31.06 40.11 -3.26
N LYS B 218 30.16 39.78 -4.20
CA LYS B 218 29.05 40.66 -4.57
C LYS B 218 27.75 39.89 -4.38
N PHE B 219 26.93 40.34 -3.43
CA PHE B 219 25.63 39.71 -3.18
C PHE B 219 24.60 40.22 -4.19
N LEU B 220 23.72 39.32 -4.61
CA LEU B 220 22.65 39.64 -5.53
C LEU B 220 21.32 39.74 -4.80
N GLU B 221 20.35 40.38 -5.46
CA GLU B 221 18.98 40.42 -5.00
C GLU B 221 18.17 39.35 -5.73
N PRO B 222 17.21 38.69 -5.05
CA PRO B 222 16.84 38.91 -3.65
C PRO B 222 17.76 38.21 -2.65
N PHE B 223 17.65 38.61 -1.38
CA PHE B 223 18.37 38.00 -0.27
C PHE B 223 17.38 37.86 0.87
N ASP B 224 16.84 36.66 1.05
CA ASP B 224 15.74 36.43 1.99
C ASP B 224 16.11 35.29 2.93
N ILE B 225 16.31 35.62 4.21
CA ILE B 225 16.58 34.64 5.26
C ILE B 225 15.75 35.01 6.48
N ASP B 226 15.19 34.00 7.14
CA ASP B 226 14.39 34.22 8.34
C ASP B 226 15.19 34.96 9.40
N ASP B 227 14.81 36.20 9.69
CA ASP B 227 15.49 37.04 10.66
C ASP B 227 14.51 37.44 11.76
N HIS B 228 14.97 38.35 12.63
CA HIS B 228 14.16 38.83 13.74
C HIS B 228 14.73 40.16 14.19
N GLN B 229 13.86 41.15 14.37
CA GLN B 229 14.33 42.50 14.69
C GLN B 229 14.83 42.62 16.12
N GLN B 230 14.46 41.71 17.01
CA GLN B 230 14.94 41.76 18.39
C GLN B 230 16.37 41.25 18.50
N VAL B 231 16.58 39.98 18.18
CA VAL B 231 17.91 39.39 18.09
C VAL B 231 18.11 38.92 16.66
N HIS B 232 19.26 39.25 16.07
CA HIS B 232 19.50 38.96 14.67
C HIS B 232 19.90 37.49 14.49
N CYS B 233 19.24 36.83 13.54
CA CYS B 233 19.48 35.44 13.18
C CYS B 233 19.32 34.48 14.36
N PRO B 234 18.11 34.38 14.95
CA PRO B 234 17.90 33.36 15.99
C PRO B 234 17.62 31.99 15.40
N TYR B 235 16.94 31.94 14.25
CA TYR B 235 16.58 30.68 13.62
C TYR B 235 17.62 30.25 12.58
N ASP B 236 17.82 31.07 11.56
CA ASP B 236 18.75 30.77 10.48
C ASP B 236 19.94 31.73 10.56
N GLN B 237 21.13 31.20 10.27
CA GLN B 237 22.36 31.98 10.30
C GLN B 237 23.16 31.71 9.03
N LEU B 238 23.81 32.76 8.52
CA LEU B 238 24.71 32.63 7.37
C LEU B 238 26.05 33.24 7.77
N GLN B 239 26.92 32.43 8.35
CA GLN B 239 28.21 32.90 8.80
C GLN B 239 29.23 32.89 7.67
N ILE B 240 30.13 33.87 7.70
CA ILE B 240 31.16 34.03 6.68
C ILE B 240 32.53 34.00 7.37
N TYR B 241 33.32 32.98 7.05
CA TYR B 241 34.71 32.88 7.46
C TYR B 241 35.60 33.36 6.33
N ALA B 242 36.60 34.16 6.67
CA ALA B 242 37.57 34.66 5.70
C ALA B 242 38.97 34.48 6.27
N ASN B 243 39.83 33.76 5.55
CA ASN B 243 41.21 33.52 5.94
C ASN B 243 41.31 32.87 7.32
N GLY B 244 40.29 32.11 7.70
CA GLY B 244 40.28 31.39 8.95
C GLY B 244 39.40 32.00 10.03
N LYS B 245 39.09 33.29 9.94
CA LYS B 245 38.33 33.98 10.98
C LYS B 245 37.01 34.49 10.42
N ASN B 246 35.98 34.46 11.27
CA ASN B 246 34.66 34.93 10.89
C ASN B 246 34.69 36.42 10.55
N ILE B 247 33.87 36.81 9.57
CA ILE B 247 33.78 38.21 9.19
C ILE B 247 32.32 38.64 9.09
N GLY B 248 31.41 37.87 9.69
CA GLY B 248 30.03 38.29 9.76
C GLY B 248 28.98 37.19 9.65
N GLU B 249 28.01 37.22 10.56
CA GLU B 249 26.88 36.30 10.56
C GLU B 249 25.66 37.07 10.08
N PHE B 250 25.19 36.73 8.88
CA PHE B 250 24.15 37.50 8.20
C PHE B 250 22.85 36.73 8.09
N CYS B 251 21.76 37.48 7.99
CA CYS B 251 20.41 36.99 7.72
C CYS B 251 19.49 38.20 7.55
N GLY B 252 18.39 38.03 6.82
CA GLY B 252 17.45 39.13 6.70
C GLY B 252 16.85 39.34 5.32
N LYS B 253 16.51 40.58 4.99
CA LYS B 253 15.81 40.92 3.76
C LYS B 253 16.65 41.76 2.79
N GLN B 254 17.39 42.75 3.29
CA GLN B 254 18.26 43.55 2.44
C GLN B 254 19.64 42.90 2.38
N ARG B 255 20.23 42.93 1.19
CA ARG B 255 21.48 42.22 0.97
C ARG B 255 22.64 42.91 1.70
N PRO B 256 23.60 42.13 2.19
CA PRO B 256 24.75 42.71 2.89
C PRO B 256 25.63 43.50 1.93
N PRO B 257 26.56 44.32 2.45
CA PRO B 257 27.41 45.11 1.56
C PRO B 257 28.40 44.25 0.79
N ASP B 258 28.81 44.76 -0.36
CA ASP B 258 29.86 44.11 -1.14
C ASP B 258 31.15 44.06 -0.34
N LEU B 259 31.70 42.86 -0.19
CA LEU B 259 32.84 42.61 0.68
C LEU B 259 34.10 42.39 -0.14
N ASP B 260 35.21 42.95 0.34
CA ASP B 260 36.53 42.66 -0.19
C ASP B 260 37.34 41.96 0.89
N THR B 261 37.91 40.81 0.56
CA THR B 261 38.44 39.90 1.57
C THR B 261 39.92 40.12 1.87
N SER B 262 40.71 40.42 0.84
CA SER B 262 42.18 40.42 0.95
C SER B 262 42.67 39.03 1.36
N SER B 263 42.01 38.00 0.83
CA SER B 263 42.34 36.62 1.18
C SER B 263 42.12 35.74 -0.04
N ASN B 264 42.78 34.58 -0.03
CA ASN B 264 42.64 33.60 -1.09
C ASN B 264 41.83 32.38 -0.66
N ALA B 265 41.33 32.36 0.58
CA ALA B 265 40.58 31.22 1.10
C ALA B 265 39.42 31.75 1.93
N VAL B 266 38.19 31.52 1.46
CA VAL B 266 36.99 31.95 2.16
C VAL B 266 36.11 30.73 2.36
N ASP B 267 35.32 30.73 3.43
CA ASP B 267 34.43 29.62 3.74
C ASP B 267 33.07 30.16 4.12
N LEU B 268 32.04 29.79 3.37
CA LEU B 268 30.68 30.21 3.65
C LEU B 268 29.96 29.10 4.40
N LEU B 269 29.55 29.39 5.64
CA LEU B 269 28.85 28.43 6.49
C LEU B 269 27.37 28.79 6.56
N PHE B 270 26.51 27.81 6.33
CA PHE B 270 25.07 28.04 6.31
C PHE B 270 24.39 27.14 7.33
N PHE B 271 23.68 27.75 8.29
CA PHE B 271 22.98 27.04 9.34
C PHE B 271 21.49 27.32 9.23
N THR B 272 20.68 26.27 9.19
CA THR B 272 19.25 26.40 8.98
C THR B 272 18.46 25.86 10.17
N ASP B 273 17.20 26.30 10.24
CA ASP B 273 16.25 25.86 11.25
C ASP B 273 15.49 24.64 10.70
N GLU B 274 14.36 24.29 11.32
CA GLU B 274 13.55 23.15 10.91
C GLU B 274 12.26 23.58 10.20
N SER B 275 12.34 24.63 9.40
CA SER B 275 11.20 25.10 8.61
C SER B 275 11.69 26.05 7.53
N GLY B 276 10.98 26.07 6.41
CA GLY B 276 11.37 26.92 5.30
C GLY B 276 10.27 27.82 4.79
N ASP B 277 10.43 29.13 5.01
CA ASP B 277 9.54 30.14 4.46
C ASP B 277 10.25 31.05 3.47
N SER B 278 11.43 31.56 3.84
CA SER B 278 12.19 32.45 2.98
C SER B 278 12.76 31.69 1.78
N ARG B 279 13.33 32.44 0.84
CA ARG B 279 13.76 31.87 -0.42
C ARG B 279 15.25 31.48 -0.40
N GLY B 280 16.12 32.44 -0.20
CA GLY B 280 17.54 32.11 -0.12
C GLY B 280 18.40 33.28 -0.56
N TRP B 281 19.53 32.93 -1.17
CA TRP B 281 20.55 33.92 -1.53
C TRP B 281 21.33 33.43 -2.74
N LYS B 282 22.02 34.35 -3.39
CA LYS B 282 22.90 34.05 -4.51
C LYS B 282 23.93 35.16 -4.62
N LEU B 283 25.15 34.79 -5.02
CA LEU B 283 26.25 35.73 -5.02
C LEU B 283 27.21 35.42 -6.16
N ARG B 284 27.89 36.48 -6.61
CA ARG B 284 28.96 36.39 -7.60
C ARG B 284 30.29 36.70 -6.91
N TYR B 285 31.27 35.81 -7.09
CA TYR B 285 32.59 36.01 -6.52
C TYR B 285 33.60 36.17 -7.66
N THR B 286 34.45 37.19 -7.54
CA THR B 286 35.46 37.53 -8.53
C THR B 286 36.82 37.61 -7.86
N THR B 287 37.87 37.63 -8.68
CA THR B 287 39.24 37.59 -8.20
C THR B 287 40.05 38.77 -8.71
N GLU B 288 40.94 39.27 -7.85
CA GLU B 288 41.93 40.28 -8.20
C GLU B 288 43.28 39.80 -7.70
N ILE B 289 44.32 40.60 -7.90
CA ILE B 289 45.70 40.21 -7.62
C ILE B 289 46.20 41.02 -6.43
N ILE B 290 46.55 40.33 -5.34
CA ILE B 290 46.99 40.95 -4.09
C ILE B 290 47.91 42.14 -4.29
N PRO C 1 26.88 -5.07 -19.85
CA PRO C 1 25.90 -6.16 -19.73
C PRO C 1 24.93 -5.97 -18.57
N THR C 2 24.24 -4.82 -18.54
CA THR C 2 23.28 -4.53 -17.49
C THR C 2 21.98 -4.04 -18.12
N MET C 3 20.93 -3.98 -17.30
CA MET C 3 19.61 -3.51 -17.72
C MET C 3 19.36 -2.05 -17.43
N TYR C 4 20.26 -1.38 -16.71
CA TYR C 4 20.06 0.01 -16.32
C TYR C 4 21.41 0.56 -15.90
N GLY C 5 21.51 1.88 -15.89
CA GLY C 5 22.73 2.52 -15.46
C GLY C 5 22.60 4.02 -15.37
N GLU C 6 23.58 4.61 -14.69
CA GLU C 6 23.65 6.04 -14.44
C GLU C 6 24.94 6.58 -15.02
N ILE C 7 24.86 7.73 -15.69
CA ILE C 7 26.03 8.39 -16.24
C ILE C 7 26.01 9.84 -15.80
N LEU C 8 27.05 10.26 -15.10
CA LEU C 8 27.22 11.62 -14.61
C LEU C 8 28.54 12.17 -15.13
N SER C 9 28.60 13.49 -15.25
CA SER C 9 29.87 14.14 -15.57
C SER C 9 30.84 13.98 -14.41
N PRO C 10 32.15 13.92 -14.69
CA PRO C 10 33.12 13.85 -13.60
C PRO C 10 32.96 15.01 -12.63
N ASN C 11 33.04 14.68 -11.33
CA ASN C 11 32.93 15.66 -10.25
C ASN C 11 31.53 16.28 -10.19
N TYR C 12 30.53 15.55 -10.67
CA TYR C 12 29.15 16.03 -10.62
C TYR C 12 28.72 16.17 -9.15
N PRO C 13 27.90 17.18 -8.82
CA PRO C 13 27.37 18.22 -9.70
C PRO C 13 28.20 19.50 -9.68
N GLN C 14 29.50 19.39 -9.50
CA GLN C 14 30.37 20.55 -9.52
C GLN C 14 30.82 20.81 -10.95
N ALA C 15 31.73 21.76 -11.14
CA ALA C 15 32.23 22.04 -12.48
C ALA C 15 33.17 20.93 -12.95
N TYR C 16 33.12 20.63 -14.27
CA TYR C 16 33.91 19.56 -14.85
C TYR C 16 35.30 20.06 -15.25
N PRO C 17 36.30 19.18 -15.26
CA PRO C 17 37.64 19.60 -15.67
C PRO C 17 37.73 19.90 -17.17
N SER C 18 38.68 20.75 -17.52
CA SER C 18 38.91 21.15 -18.90
C SER C 18 39.89 20.19 -19.59
N GLU C 19 39.89 20.26 -20.91
CA GLU C 19 40.75 19.42 -21.76
C GLU C 19 40.56 17.94 -21.46
N VAL C 20 39.30 17.50 -21.50
CA VAL C 20 38.98 16.11 -21.20
C VAL C 20 38.20 15.50 -22.35
N GLU C 21 38.35 14.19 -22.51
CA GLU C 21 37.54 13.43 -23.47
C GLU C 21 37.34 12.04 -22.86
N LYS C 22 36.19 11.84 -22.23
CA LYS C 22 35.85 10.57 -21.57
C LYS C 22 34.74 9.85 -22.32
N SER C 23 34.82 8.51 -22.35
CA SER C 23 33.87 7.68 -23.05
C SER C 23 33.33 6.59 -22.15
N TRP C 24 32.07 6.23 -22.36
CA TRP C 24 31.42 5.10 -21.69
C TRP C 24 30.79 4.21 -22.74
N ASP C 25 30.92 2.89 -22.54
CA ASP C 25 30.38 1.88 -23.45
C ASP C 25 29.19 1.20 -22.78
N ILE C 26 27.98 1.48 -23.28
CA ILE C 26 26.78 0.84 -22.76
C ILE C 26 26.58 -0.49 -23.45
N GLU C 27 26.19 -1.51 -22.68
CA GLU C 27 25.93 -2.84 -23.21
C GLU C 27 24.76 -3.46 -22.46
N VAL C 28 23.77 -3.91 -23.21
CA VAL C 28 22.63 -4.64 -22.65
C VAL C 28 22.58 -6.00 -23.34
N PRO C 29 21.90 -6.98 -22.75
CA PRO C 29 21.86 -8.32 -23.38
C PRO C 29 21.15 -8.33 -24.72
N GLU C 30 21.15 -9.50 -25.37
CA GLU C 30 20.59 -9.64 -26.72
C GLU C 30 19.12 -9.24 -26.76
N GLY C 31 18.72 -8.63 -27.88
CA GLY C 31 17.32 -8.33 -28.13
C GLY C 31 16.73 -7.21 -27.31
N TYR C 32 17.56 -6.32 -26.78
CA TYR C 32 17.06 -5.17 -26.03
C TYR C 32 17.47 -3.86 -26.72
N GLY C 33 16.54 -2.91 -26.76
CA GLY C 33 16.86 -1.55 -27.13
C GLY C 33 17.30 -0.73 -25.92
N ILE C 34 17.68 0.51 -26.18
CA ILE C 34 18.21 1.40 -25.15
C ILE C 34 17.45 2.71 -25.18
N HIS C 35 17.04 3.19 -24.00
CA HIS C 35 16.41 4.50 -23.84
C HIS C 35 17.32 5.34 -22.95
N LEU C 36 17.94 6.36 -23.54
CA LEU C 36 18.91 7.21 -22.85
C LEU C 36 18.35 8.62 -22.75
N TYR C 37 18.19 9.11 -21.52
CA TYR C 37 17.54 10.40 -21.28
C TYR C 37 18.37 11.20 -20.28
N PHE C 38 18.27 12.52 -20.40
CA PHE C 38 19.08 13.46 -19.63
C PHE C 38 18.20 14.15 -18.60
N THR C 39 18.55 14.00 -17.32
CA THR C 39 17.84 14.69 -16.26
C THR C 39 18.45 16.04 -15.93
N HIS C 40 19.71 16.29 -16.28
CA HIS C 40 20.32 17.57 -16.01
C HIS C 40 21.30 17.93 -17.11
N LEU C 41 21.24 19.18 -17.56
CA LEU C 41 22.08 19.65 -18.68
C LEU C 41 22.52 21.07 -18.39
N ASP C 42 23.83 21.26 -18.16
CA ASP C 42 24.42 22.59 -17.96
C ASP C 42 25.86 22.53 -18.46
N ILE C 43 26.06 22.91 -19.73
CA ILE C 43 27.34 22.79 -20.42
C ILE C 43 27.66 24.11 -21.11
N GLU C 44 28.96 24.37 -21.30
CA GLU C 44 29.40 25.58 -22.00
C GLU C 44 28.73 25.70 -23.37
N LEU C 45 28.15 26.87 -23.62
CA LEU C 45 27.36 27.10 -24.82
C LEU C 45 28.27 27.49 -25.98
N SER C 46 28.13 26.77 -27.09
CA SER C 46 28.88 27.07 -28.30
C SER C 46 28.02 26.71 -29.50
N GLU C 47 28.25 27.41 -30.61
CA GLU C 47 27.50 27.15 -31.82
C GLU C 47 27.91 25.81 -32.40
N ASN C 48 26.91 24.97 -32.72
CA ASN C 48 27.14 23.59 -33.17
C ASN C 48 27.92 22.78 -32.14
N CYS C 49 27.80 23.16 -30.86
CA CYS C 49 28.52 22.53 -29.76
C CYS C 49 30.00 22.36 -30.08
N ALA C 50 30.65 23.49 -30.38
CA ALA C 50 32.05 23.47 -30.78
C ALA C 50 32.98 23.33 -29.59
N TYR C 51 32.90 24.27 -28.64
CA TYR C 51 33.84 24.31 -27.52
C TYR C 51 33.75 23.04 -26.69
N ASP C 52 32.60 22.86 -26.03
CA ASP C 52 32.33 21.69 -25.21
C ASP C 52 31.11 20.97 -25.75
N SER C 53 31.10 19.65 -25.62
CA SER C 53 29.97 18.91 -26.15
C SER C 53 29.93 17.52 -25.53
N VAL C 54 28.73 16.96 -25.48
CA VAL C 54 28.52 15.56 -25.12
C VAL C 54 27.91 14.88 -26.33
N GLN C 55 28.45 13.72 -26.68
CA GLN C 55 28.17 13.08 -27.96
C GLN C 55 27.65 11.67 -27.74
N ILE C 56 26.60 11.30 -28.47
CA ILE C 56 26.00 9.98 -28.39
C ILE C 56 26.19 9.31 -29.73
N ILE C 57 27.03 8.28 -29.76
CA ILE C 57 27.34 7.52 -30.97
C ILE C 57 27.04 6.05 -30.71
N SER C 58 26.22 5.46 -31.58
CA SER C 58 25.91 4.03 -31.51
C SER C 58 26.70 3.35 -32.62
N GLY C 59 27.69 2.55 -32.23
CA GLY C 59 28.59 1.99 -33.21
C GLY C 59 29.42 3.08 -33.85
N ASP C 60 29.10 3.44 -35.09
CA ASP C 60 29.83 4.47 -35.81
C ASP C 60 29.02 5.72 -36.11
N THR C 61 27.71 5.71 -35.89
CA THR C 61 26.86 6.83 -36.28
C THR C 61 26.52 7.66 -35.05
N GLU C 62 26.54 8.98 -35.22
CA GLU C 62 26.33 9.90 -34.11
C GLU C 62 24.84 10.05 -33.84
N GLU C 63 24.38 9.52 -32.72
CA GLU C 63 22.97 9.67 -32.38
C GLU C 63 22.64 11.05 -31.83
N GLY C 64 23.63 11.80 -31.37
CA GLY C 64 23.35 13.16 -30.92
C GLY C 64 24.63 13.88 -30.52
N ARG C 65 24.47 15.20 -30.33
CA ARG C 65 25.54 16.06 -29.83
C ARG C 65 24.87 17.23 -29.13
N LEU C 66 25.04 17.32 -27.82
CA LEU C 66 24.33 18.27 -26.98
C LEU C 66 25.31 19.14 -26.21
N CYS C 67 24.86 20.36 -25.93
CA CYS C 67 25.60 21.33 -25.13
C CYS C 67 24.61 22.42 -24.70
N GLY C 68 25.07 23.27 -23.79
CA GLY C 68 24.31 24.42 -23.35
C GLY C 68 23.64 24.21 -22.01
N GLN C 69 23.03 25.28 -21.52
CA GLN C 69 22.29 25.28 -20.26
C GLN C 69 20.81 25.11 -20.57
N ARG C 70 20.20 24.08 -20.00
CA ARG C 70 18.78 23.80 -20.22
C ARG C 70 18.22 23.02 -19.04
N SER C 71 17.02 23.39 -18.62
CA SER C 71 16.31 22.70 -17.56
C SER C 71 14.96 22.27 -18.07
N SER C 72 14.36 21.29 -17.38
CA SER C 72 13.11 20.72 -17.84
C SER C 72 11.98 21.75 -17.77
N ASN C 73 11.26 21.91 -18.88
CA ASN C 73 10.16 22.85 -18.91
C ASN C 73 8.93 22.30 -18.21
N ASN C 74 8.65 21.02 -18.40
CA ASN C 74 7.50 20.39 -17.77
C ASN C 74 7.76 20.21 -16.28
N PRO C 75 6.92 20.73 -15.39
CA PRO C 75 7.08 20.45 -13.96
C PRO C 75 6.71 19.03 -13.58
N HIS C 76 6.01 18.30 -14.45
CA HIS C 76 5.64 16.92 -14.21
C HIS C 76 6.70 15.92 -14.64
N SER C 77 7.76 16.38 -15.33
CA SER C 77 8.79 15.48 -15.81
C SER C 77 10.16 16.16 -15.67
N PRO C 78 11.17 15.45 -15.18
CA PRO C 78 12.52 16.02 -15.10
C PRO C 78 13.32 15.88 -16.38
N ILE C 79 12.75 15.25 -17.41
CA ILE C 79 13.48 14.96 -18.62
C ILE C 79 13.55 16.22 -19.47
N VAL C 80 14.74 16.50 -20.01
CA VAL C 80 14.97 17.66 -20.87
C VAL C 80 15.19 17.22 -22.31
N GLU C 81 16.04 16.22 -22.52
CA GLU C 81 16.24 15.61 -23.82
C GLU C 81 16.33 14.10 -23.64
N GLU C 82 15.98 13.36 -24.68
CA GLU C 82 15.97 11.91 -24.59
C GLU C 82 16.11 11.29 -25.98
N PHE C 83 16.48 10.01 -25.99
CA PHE C 83 16.75 9.27 -27.22
C PHE C 83 16.36 7.81 -27.01
N GLN C 84 15.87 7.18 -28.08
CA GLN C 84 15.50 5.77 -28.07
C GLN C 84 16.16 5.09 -29.27
N VAL C 85 16.81 3.95 -29.03
CA VAL C 85 17.56 3.26 -30.08
C VAL C 85 17.27 1.76 -30.00
N PRO C 86 17.27 1.10 -31.17
CA PRO C 86 16.98 -0.34 -31.21
C PRO C 86 18.21 -1.23 -31.06
N TYR C 87 19.33 -0.68 -30.61
CA TYR C 87 20.57 -1.43 -30.53
C TYR C 87 20.87 -1.82 -29.08
N ASN C 88 21.68 -2.86 -28.92
CA ASN C 88 22.02 -3.38 -27.60
C ASN C 88 23.32 -2.80 -27.05
N LYS C 89 23.98 -1.89 -27.78
CA LYS C 89 25.19 -1.26 -27.30
C LYS C 89 25.19 0.20 -27.70
N LEU C 90 25.85 1.02 -26.89
CA LEU C 90 25.95 2.45 -27.13
C LEU C 90 27.33 2.94 -26.74
N GLN C 91 27.67 4.14 -27.18
CA GLN C 91 28.89 4.80 -26.76
C GLN C 91 28.59 6.28 -26.52
N VAL C 92 29.07 6.81 -25.40
CA VAL C 92 28.86 8.21 -25.05
C VAL C 92 30.24 8.83 -24.82
N ILE C 93 30.53 9.90 -25.56
CA ILE C 93 31.83 10.57 -25.51
C ILE C 93 31.59 12.02 -25.16
N PHE C 94 31.98 12.41 -23.96
CA PHE C 94 31.91 13.81 -23.53
C PHE C 94 33.30 14.41 -23.65
N LYS C 95 33.38 15.57 -24.30
CA LYS C 95 34.65 16.26 -24.50
C LYS C 95 34.48 17.72 -24.14
N SER C 96 35.50 18.27 -23.48
CA SER C 96 35.50 19.65 -23.06
C SER C 96 36.87 20.23 -23.34
N ASP C 97 36.90 21.44 -23.92
CA ASP C 97 38.13 22.10 -24.30
C ASP C 97 38.76 22.73 -23.05
N PHE C 98 39.76 23.57 -23.29
CA PHE C 98 40.65 24.11 -22.26
C PHE C 98 40.05 25.25 -21.45
N SER C 99 38.84 25.70 -21.75
CA SER C 99 38.31 26.89 -21.10
C SER C 99 36.81 26.76 -20.85
N ASN C 100 36.36 27.41 -19.77
CA ASN C 100 34.96 27.54 -19.45
C ASN C 100 34.69 28.98 -19.08
N GLU C 101 33.70 29.60 -19.76
CA GLU C 101 33.39 31.01 -19.50
C GLU C 101 32.73 31.17 -18.14
N GLU C 102 31.78 30.31 -17.80
CA GLU C 102 31.08 30.34 -16.53
C GLU C 102 31.27 29.01 -15.81
N ARG C 103 30.57 28.84 -14.70
CA ARG C 103 30.56 27.58 -13.98
C ARG C 103 29.42 26.74 -14.52
N PHE C 104 29.75 25.56 -15.05
CA PHE C 104 28.77 24.67 -15.66
C PHE C 104 28.84 23.32 -14.95
N THR C 105 27.72 22.91 -14.36
CA THR C 105 27.67 21.75 -13.49
C THR C 105 27.74 20.42 -14.24
N GLY C 106 27.74 20.43 -15.57
CA GLY C 106 27.88 19.20 -16.32
C GLY C 106 26.57 18.63 -16.81
N PHE C 107 26.26 17.39 -16.41
CA PHE C 107 25.04 16.74 -16.85
C PHE C 107 24.77 15.53 -15.97
N ALA C 108 23.51 15.10 -15.97
CA ALA C 108 23.09 13.89 -15.26
C ALA C 108 22.12 13.13 -16.15
N ALA C 109 22.47 11.90 -16.50
CA ALA C 109 21.65 11.10 -17.40
C ALA C 109 21.58 9.66 -16.90
N TYR C 110 20.58 8.92 -17.39
CA TYR C 110 20.36 7.53 -17.02
C TYR C 110 19.87 6.77 -18.24
N TYR C 111 20.20 5.47 -18.28
CA TYR C 111 19.77 4.60 -19.37
C TYR C 111 19.12 3.35 -18.82
N VAL C 112 18.12 2.85 -19.56
CA VAL C 112 17.43 1.61 -19.23
C VAL C 112 17.25 0.79 -20.50
N ALA C 113 17.29 -0.53 -20.36
CA ALA C 113 17.14 -1.43 -21.50
C ALA C 113 15.67 -1.70 -21.76
N THR C 114 15.26 -1.60 -23.02
CA THR C 114 13.88 -1.85 -23.43
C THR C 114 13.80 -3.03 -24.40
N ASP C 115 12.72 -3.80 -24.29
CA ASP C 115 12.50 -4.93 -25.18
C ASP C 115 12.21 -4.48 -26.61
N ILE C 116 12.72 -5.24 -27.57
CA ILE C 116 12.36 -5.07 -28.97
C ILE C 116 11.16 -5.97 -29.28
N ASN C 117 10.09 -5.37 -29.79
CA ASN C 117 8.91 -6.12 -30.23
C ASN C 117 9.12 -6.50 -31.69
N GLU C 118 9.77 -7.65 -31.90
CA GLU C 118 10.25 -8.00 -33.24
C GLU C 118 9.13 -8.11 -34.26
N CYS C 119 7.90 -8.38 -33.82
CA CYS C 119 6.80 -8.51 -34.77
C CYS C 119 6.42 -7.17 -35.38
N THR C 120 6.24 -6.15 -34.54
CA THR C 120 5.77 -4.85 -35.00
C THR C 120 6.90 -3.85 -35.24
N ASP C 121 7.98 -3.92 -34.46
CA ASP C 121 9.03 -2.93 -34.55
C ASP C 121 9.81 -3.01 -35.86
N PHE C 122 9.79 -4.17 -36.52
CA PHE C 122 10.50 -4.34 -37.77
C PHE C 122 9.50 -4.33 -38.94
N VAL C 123 9.98 -3.89 -40.10
CA VAL C 123 9.15 -3.97 -41.30
C VAL C 123 9.11 -5.41 -41.81
N ASP C 124 10.25 -6.08 -41.83
CA ASP C 124 10.31 -7.50 -42.16
C ASP C 124 10.03 -8.31 -40.90
N VAL C 125 9.03 -9.19 -40.97
CA VAL C 125 8.65 -10.02 -39.83
C VAL C 125 9.32 -11.38 -40.01
N PRO C 126 10.13 -11.82 -39.05
CA PRO C 126 10.87 -13.08 -39.27
C PRO C 126 10.05 -14.32 -38.94
N CYS C 127 8.80 -14.35 -39.41
CA CYS C 127 7.93 -15.52 -39.28
C CYS C 127 7.06 -15.59 -40.51
N SER C 128 6.88 -16.80 -41.04
CA SER C 128 6.10 -16.95 -42.27
C SER C 128 4.64 -16.65 -42.03
N HIS C 129 4.05 -17.16 -40.95
CA HIS C 129 2.63 -17.01 -40.70
C HIS C 129 2.32 -16.16 -39.49
N PHE C 130 2.77 -16.55 -38.30
CA PHE C 130 2.41 -15.84 -37.08
C PHE C 130 3.66 -15.55 -36.25
N CYS C 131 3.70 -14.37 -35.63
CA CYS C 131 4.84 -13.90 -34.87
C CYS C 131 4.49 -13.79 -33.39
N ASN C 132 5.42 -14.22 -32.54
CA ASN C 132 5.26 -14.13 -31.09
C ASN C 132 6.43 -13.37 -30.51
N ASN C 133 6.14 -12.24 -29.87
CA ASN C 133 7.15 -11.44 -29.19
C ASN C 133 7.19 -11.79 -27.71
N PHE C 134 8.40 -11.82 -27.15
CA PHE C 134 8.54 -11.88 -25.70
C PHE C 134 9.73 -11.05 -25.27
N ILE C 135 9.78 -10.75 -23.97
CA ILE C 135 10.81 -9.87 -23.42
C ILE C 135 12.16 -10.55 -23.59
N GLY C 136 12.97 -10.05 -24.51
CA GLY C 136 14.28 -10.60 -24.79
C GLY C 136 14.37 -11.44 -26.05
N GLY C 137 13.27 -11.66 -26.76
CA GLY C 137 13.35 -12.40 -28.01
C GLY C 137 12.00 -12.59 -28.67
N TYR C 138 11.95 -13.58 -29.55
CA TYR C 138 10.76 -13.85 -30.34
C TYR C 138 10.78 -15.32 -30.74
N PHE C 139 9.60 -15.81 -31.13
CA PHE C 139 9.48 -17.14 -31.72
C PHE C 139 8.19 -17.18 -32.52
N CYS C 140 8.17 -18.05 -33.52
CA CYS C 140 7.09 -18.07 -34.49
C CYS C 140 6.00 -19.07 -34.10
N SER C 141 4.80 -18.84 -34.64
CA SER C 141 3.68 -19.75 -34.46
C SER C 141 2.91 -19.83 -35.77
N CYS C 142 2.04 -20.82 -35.84
CA CYS C 142 1.47 -21.27 -37.10
C CYS C 142 -0.03 -21.48 -37.02
N PRO C 143 -0.73 -21.59 -38.16
CA PRO C 143 -2.18 -21.83 -38.13
C PRO C 143 -2.49 -23.24 -37.66
N PRO C 144 -3.77 -23.61 -37.57
CA PRO C 144 -4.11 -24.97 -37.10
C PRO C 144 -3.39 -26.08 -37.86
N GLU C 145 -2.80 -26.99 -37.09
CA GLU C 145 -2.13 -28.17 -37.63
C GLU C 145 -1.09 -27.78 -38.68
N TYR C 146 -0.27 -26.81 -38.33
CA TYR C 146 0.91 -26.43 -39.09
C TYR C 146 2.13 -26.78 -38.26
N PHE C 147 3.20 -27.24 -38.91
CA PHE C 147 4.40 -27.70 -38.22
C PHE C 147 5.59 -26.85 -38.62
N LEU C 148 6.40 -26.48 -37.62
CA LEU C 148 7.51 -25.56 -37.84
C LEU C 148 8.71 -26.29 -38.43
N HIS C 149 9.32 -25.66 -39.43
CA HIS C 149 10.52 -26.20 -40.05
C HIS C 149 11.72 -25.98 -39.15
N ASP C 150 12.78 -26.77 -39.38
CA ASP C 150 13.96 -26.70 -38.52
C ASP C 150 14.65 -25.35 -38.57
N ASP C 151 14.41 -24.55 -39.60
CA ASP C 151 14.95 -23.19 -39.60
C ASP C 151 14.30 -22.28 -38.56
N MET C 152 13.29 -22.79 -37.86
CA MET C 152 12.58 -22.10 -36.77
C MET C 152 11.90 -20.81 -37.23
N LYS C 153 11.78 -20.60 -38.54
CA LYS C 153 11.23 -19.36 -39.08
C LYS C 153 10.00 -19.59 -39.94
N ASN C 154 10.05 -20.53 -40.88
CA ASN C 154 8.95 -20.80 -41.78
C ASN C 154 8.24 -22.09 -41.37
N CYS C 155 6.92 -22.11 -41.55
CA CYS C 155 6.09 -23.25 -41.18
C CYS C 155 5.68 -24.07 -42.40
N GLY C 156 5.24 -25.30 -42.14
CA GLY C 156 4.73 -26.21 -43.15
C GLY C 156 3.52 -26.99 -42.67
N VAL C 157 2.50 -27.11 -43.52
CA VAL C 157 1.23 -27.72 -43.16
C VAL C 157 0.93 -28.92 -44.04
N ASN C 158 0.16 -29.85 -43.48
CA ASN C 158 -0.18 -31.08 -44.18
C ASN C 158 -1.13 -31.87 -43.30
N CYS C 159 -2.03 -32.60 -43.95
CA CYS C 159 -2.92 -33.48 -43.21
C CYS C 159 -2.13 -34.68 -42.70
N SER C 160 -2.02 -34.81 -41.38
CA SER C 160 -1.28 -35.92 -40.78
C SER C 160 -1.95 -36.23 -39.44
N GLY C 161 -2.84 -37.22 -39.45
CA GLY C 161 -3.48 -37.70 -38.25
C GLY C 161 -4.95 -37.38 -38.07
N ASP C 162 -5.67 -37.10 -39.16
CA ASP C 162 -7.06 -36.63 -39.09
C ASP C 162 -8.00 -37.58 -39.83
N VAL C 163 -8.53 -38.55 -39.09
CA VAL C 163 -9.51 -39.52 -39.61
C VAL C 163 -10.77 -39.39 -38.78
N PHE C 164 -11.88 -39.05 -39.43
CA PHE C 164 -13.12 -38.74 -38.75
C PHE C 164 -13.89 -40.01 -38.36
N THR C 165 -14.41 -40.04 -37.13
CA THR C 165 -15.24 -41.12 -36.66
C THR C 165 -16.68 -40.69 -36.36
N ALA C 166 -16.97 -39.40 -36.33
CA ALA C 166 -18.32 -38.93 -36.10
C ALA C 166 -19.23 -39.28 -37.28
N LEU C 167 -20.51 -39.49 -36.98
CA LEU C 167 -21.46 -39.84 -38.03
C LEU C 167 -21.74 -38.66 -38.95
N ILE C 168 -21.83 -37.45 -38.39
CA ILE C 168 -22.10 -36.23 -39.16
C ILE C 168 -20.99 -35.23 -38.87
N GLY C 169 -20.33 -34.74 -39.92
CA GLY C 169 -19.22 -33.83 -39.73
C GLY C 169 -18.96 -32.96 -40.95
N GLU C 170 -17.99 -32.05 -40.79
CA GLU C 170 -17.62 -31.09 -41.83
C GLU C 170 -16.15 -31.29 -42.23
N ILE C 171 -15.86 -30.96 -43.49
CA ILE C 171 -14.48 -30.95 -44.00
C ILE C 171 -14.35 -29.77 -44.96
N ALA C 172 -13.21 -29.09 -44.91
CA ALA C 172 -12.94 -27.97 -45.79
C ALA C 172 -11.50 -28.02 -46.28
N SER C 173 -11.18 -27.15 -47.25
CA SER C 173 -9.80 -26.98 -47.69
C SER C 173 -9.04 -26.08 -46.72
N PRO C 174 -7.72 -26.23 -46.64
CA PRO C 174 -6.95 -25.42 -45.69
C PRO C 174 -7.04 -23.93 -46.01
N ASN C 175 -7.04 -23.13 -44.95
CA ASN C 175 -7.10 -21.66 -44.98
C ASN C 175 -8.45 -21.12 -45.44
N TYR C 176 -9.42 -21.98 -45.74
CA TYR C 176 -10.69 -21.52 -46.28
C TYR C 176 -11.31 -20.48 -45.35
N PRO C 177 -11.91 -19.41 -45.89
CA PRO C 177 -12.12 -19.15 -47.32
C PRO C 177 -10.95 -18.47 -48.04
N LYS C 178 -9.78 -18.41 -47.43
CA LYS C 178 -8.61 -17.87 -48.12
C LYS C 178 -8.14 -18.87 -49.18
N PRO C 179 -7.35 -18.42 -50.16
CA PRO C 179 -6.93 -19.32 -51.24
C PRO C 179 -6.11 -20.49 -50.71
N TYR C 180 -6.29 -21.65 -51.37
CA TYR C 180 -5.64 -22.88 -50.94
C TYR C 180 -4.16 -22.90 -51.33
N PRO C 181 -3.33 -23.59 -50.55
CA PRO C 181 -1.90 -23.66 -50.89
C PRO C 181 -1.65 -24.53 -52.11
N GLU C 182 -0.57 -24.21 -52.81
CA GLU C 182 -0.18 -24.87 -54.05
C GLU C 182 0.69 -26.11 -53.80
N ASN C 183 0.71 -26.99 -54.80
CA ASN C 183 1.61 -28.15 -54.84
C ASN C 183 1.41 -29.06 -53.64
N SER C 184 0.16 -29.41 -53.35
CA SER C 184 -0.13 -30.25 -52.19
C SER C 184 -1.07 -31.37 -52.57
N ARG C 185 -0.89 -32.51 -51.89
CA ARG C 185 -1.78 -33.67 -51.99
C ARG C 185 -2.25 -34.00 -50.59
N CYS C 186 -3.50 -33.67 -50.30
CA CYS C 186 -4.04 -33.92 -48.96
C CYS C 186 -5.15 -34.94 -49.04
N GLU C 187 -5.05 -35.98 -48.20
CA GLU C 187 -6.00 -37.09 -48.14
C GLU C 187 -6.68 -37.10 -46.79
N TYR C 188 -8.01 -36.97 -46.79
CA TYR C 188 -8.82 -37.08 -45.58
C TYR C 188 -9.63 -38.37 -45.65
N GLN C 189 -9.82 -39.01 -44.50
CA GLN C 189 -10.45 -40.32 -44.41
C GLN C 189 -11.62 -40.26 -43.43
N ILE C 190 -12.77 -40.78 -43.87
CA ILE C 190 -13.97 -40.90 -43.04
C ILE C 190 -14.24 -42.38 -42.83
N ARG C 191 -14.43 -42.76 -41.56
CA ARG C 191 -14.62 -44.16 -41.18
C ARG C 191 -15.83 -44.27 -40.27
N LEU C 192 -16.89 -44.91 -40.76
CA LEU C 192 -18.10 -45.18 -39.99
C LEU C 192 -18.20 -46.68 -39.72
N GLU C 193 -19.23 -47.05 -38.97
CA GLU C 193 -19.51 -48.47 -38.76
C GLU C 193 -19.90 -49.14 -40.08
N LYS C 194 -19.70 -50.45 -40.13
CA LYS C 194 -19.91 -51.21 -41.36
C LYS C 194 -21.33 -51.05 -41.89
N GLY C 195 -22.32 -51.00 -40.99
CA GLY C 195 -23.70 -50.93 -41.40
C GLY C 195 -24.15 -49.59 -41.96
N PHE C 196 -23.35 -48.55 -41.81
CA PHE C 196 -23.74 -47.21 -42.24
C PHE C 196 -23.12 -46.84 -43.58
N GLN C 197 -23.73 -45.84 -44.21
CA GLN C 197 -23.32 -45.31 -45.50
C GLN C 197 -23.00 -43.83 -45.35
N VAL C 198 -21.86 -43.41 -45.89
CA VAL C 198 -21.46 -42.00 -45.91
C VAL C 198 -22.17 -41.31 -47.06
N VAL C 199 -22.96 -40.28 -46.77
CA VAL C 199 -23.59 -39.45 -47.79
C VAL C 199 -23.03 -38.04 -47.66
N VAL C 200 -22.51 -37.51 -48.76
CA VAL C 200 -21.79 -36.25 -48.79
C VAL C 200 -22.65 -35.20 -49.48
N THR C 201 -22.81 -34.05 -48.83
CA THR C 201 -23.47 -32.87 -49.36
C THR C 201 -22.48 -31.71 -49.39
N LEU C 202 -22.52 -30.92 -50.46
CA LEU C 202 -21.73 -29.70 -50.53
C LEU C 202 -22.43 -28.70 -51.43
N ARG C 203 -22.40 -27.43 -51.04
CA ARG C 203 -23.11 -26.40 -51.77
C ARG C 203 -22.43 -26.10 -53.11
N ARG C 204 -23.26 -25.82 -54.12
CA ARG C 204 -22.75 -25.58 -55.47
C ARG C 204 -21.87 -24.34 -55.51
N GLU C 205 -22.17 -23.32 -54.70
CA GLU C 205 -21.40 -22.08 -54.73
C GLU C 205 -20.13 -22.14 -53.89
N ASP C 206 -20.01 -23.12 -53.00
CA ASP C 206 -18.82 -23.26 -52.16
C ASP C 206 -17.78 -24.15 -52.83
N PHE C 207 -17.43 -23.83 -54.07
CA PHE C 207 -16.47 -24.62 -54.83
C PHE C 207 -15.87 -23.74 -55.91
N ASP C 208 -14.55 -23.54 -55.84
CA ASP C 208 -13.85 -22.71 -56.84
C ASP C 208 -12.42 -23.24 -56.94
N VAL C 209 -12.14 -23.98 -58.01
CA VAL C 209 -10.83 -24.57 -58.25
C VAL C 209 -10.38 -24.15 -59.64
N GLU C 210 -9.06 -24.13 -59.84
CA GLU C 210 -8.48 -23.77 -61.13
C GLU C 210 -9.13 -24.53 -62.27
N ALA C 211 -9.50 -23.81 -63.31
CA ALA C 211 -10.21 -24.42 -64.43
C ALA C 211 -9.30 -25.41 -65.15
N ALA C 212 -9.93 -26.30 -65.92
CA ALA C 212 -9.20 -27.31 -66.67
C ALA C 212 -8.58 -26.70 -67.92
N ASP C 213 -7.72 -27.48 -68.57
CA ASP C 213 -7.14 -27.08 -69.83
C ASP C 213 -8.17 -27.19 -70.95
N SER C 214 -7.75 -26.89 -72.18
CA SER C 214 -8.65 -26.96 -73.32
C SER C 214 -9.18 -28.38 -73.52
N ALA C 215 -8.34 -29.39 -73.29
CA ALA C 215 -8.74 -30.77 -73.51
C ALA C 215 -9.70 -31.29 -72.45
N GLY C 216 -9.92 -30.55 -71.37
CA GLY C 216 -10.81 -30.97 -70.32
C GLY C 216 -10.16 -31.70 -69.17
N ASN C 217 -8.84 -31.70 -69.08
CA ASN C 217 -8.12 -32.32 -67.98
C ASN C 217 -7.94 -31.30 -66.85
N CYS C 218 -8.35 -31.67 -65.65
CA CYS C 218 -8.25 -30.77 -64.51
C CYS C 218 -6.78 -30.56 -64.15
N LEU C 219 -6.35 -29.30 -64.12
CA LEU C 219 -5.00 -29.00 -63.69
C LEU C 219 -4.87 -29.10 -62.17
N ASP C 220 -5.91 -28.66 -61.45
CA ASP C 220 -6.08 -28.95 -60.04
C ASP C 220 -7.37 -29.74 -59.86
N SER C 221 -7.37 -30.71 -58.95
CA SER C 221 -8.50 -31.62 -58.85
C SER C 221 -8.85 -31.92 -57.40
N LEU C 222 -10.15 -32.15 -57.18
CA LEU C 222 -10.71 -32.63 -55.92
C LEU C 222 -11.51 -33.88 -56.25
N VAL C 223 -11.44 -34.89 -55.39
CA VAL C 223 -11.87 -36.21 -55.84
C VAL C 223 -12.35 -37.06 -54.65
N PHE C 224 -13.47 -37.78 -54.86
CA PHE C 224 -14.14 -38.59 -53.84
C PHE C 224 -14.06 -40.09 -54.14
N VAL C 225 -13.51 -40.87 -53.19
CA VAL C 225 -13.31 -42.31 -53.32
C VAL C 225 -14.24 -43.02 -52.34
N ALA C 226 -15.08 -43.93 -52.86
CA ALA C 226 -15.94 -44.75 -52.01
C ALA C 226 -15.74 -46.22 -52.38
N GLY C 227 -14.72 -46.86 -51.80
CA GLY C 227 -14.43 -48.25 -52.12
C GLY C 227 -14.14 -48.44 -53.59
N ASP C 228 -15.08 -49.04 -54.30
CA ASP C 228 -14.98 -49.19 -55.75
C ASP C 228 -15.56 -47.99 -56.49
N ARG C 229 -16.63 -47.41 -55.96
CA ARG C 229 -17.28 -46.28 -56.61
C ARG C 229 -16.41 -45.03 -56.51
N GLN C 230 -16.66 -44.11 -57.46
CA GLN C 230 -15.80 -42.96 -57.68
C GLN C 230 -16.61 -41.77 -58.16
N PHE C 231 -16.45 -40.63 -57.49
CA PHE C 231 -17.05 -39.38 -57.92
C PHE C 231 -15.95 -38.35 -58.15
N GLY C 232 -15.87 -37.84 -59.37
CA GLY C 232 -14.82 -36.92 -59.76
C GLY C 232 -14.06 -37.42 -60.96
N PRO C 233 -12.97 -36.74 -61.32
CA PRO C 233 -12.45 -35.53 -60.67
C PRO C 233 -13.23 -34.27 -61.01
N TYR C 234 -13.40 -33.39 -60.04
CA TYR C 234 -14.13 -32.13 -60.21
C TYR C 234 -13.16 -30.96 -60.13
N CYS C 235 -13.39 -29.96 -60.98
CA CYS C 235 -12.60 -28.74 -60.95
C CYS C 235 -13.38 -27.63 -61.65
N GLY C 236 -12.84 -26.42 -61.58
CA GLY C 236 -13.50 -25.26 -62.15
C GLY C 236 -14.19 -24.45 -61.08
N HIS C 237 -14.79 -23.34 -61.53
CA HIS C 237 -15.57 -22.48 -60.64
C HIS C 237 -16.99 -23.01 -60.61
N GLY C 238 -17.41 -23.52 -59.46
CA GLY C 238 -18.73 -24.11 -59.32
C GLY C 238 -18.70 -25.63 -59.38
N PHE C 239 -19.37 -26.26 -58.42
CA PHE C 239 -19.38 -27.72 -58.35
C PHE C 239 -20.25 -28.29 -59.46
N PRO C 240 -19.70 -29.11 -60.37
CA PRO C 240 -20.53 -29.64 -61.47
C PRO C 240 -21.43 -30.79 -61.05
N GLY C 241 -21.08 -31.53 -60.00
CA GLY C 241 -21.88 -32.65 -59.56
C GLY C 241 -23.09 -32.23 -58.77
N PRO C 242 -23.94 -33.19 -58.47
CA PRO C 242 -25.14 -32.91 -57.66
C PRO C 242 -24.77 -32.49 -56.24
N LEU C 243 -25.67 -31.73 -55.61
CA LEU C 243 -25.42 -31.23 -54.27
C LEU C 243 -25.58 -32.31 -53.21
N ASN C 244 -26.31 -33.38 -53.50
CA ASN C 244 -26.50 -34.49 -52.58
C ASN C 244 -25.96 -35.75 -53.26
N ILE C 245 -24.95 -36.36 -52.64
CA ILE C 245 -24.25 -37.51 -53.19
C ILE C 245 -24.32 -38.67 -52.21
N GLU C 246 -24.71 -39.84 -52.69
CA GLU C 246 -24.71 -41.07 -51.90
C GLU C 246 -23.53 -41.91 -52.37
N THR C 247 -22.64 -42.25 -51.44
CA THR C 247 -21.43 -42.97 -51.78
C THR C 247 -21.58 -44.48 -51.71
N LYS C 248 -22.59 -44.97 -50.98
CA LYS C 248 -22.80 -46.41 -50.76
C LYS C 248 -21.53 -47.06 -50.22
N SER C 249 -21.02 -46.50 -49.13
CA SER C 249 -19.78 -46.99 -48.52
C SER C 249 -19.66 -46.43 -47.11
N ASN C 250 -19.10 -47.24 -46.21
CA ASN C 250 -18.86 -46.83 -44.83
C ASN C 250 -17.50 -46.20 -44.64
N ALA C 251 -16.61 -46.31 -45.64
CA ALA C 251 -15.28 -45.72 -45.59
C ALA C 251 -15.10 -44.88 -46.84
N LEU C 252 -14.61 -43.65 -46.66
CA LEU C 252 -14.53 -42.69 -47.75
C LEU C 252 -13.19 -41.98 -47.70
N ASP C 253 -12.57 -41.80 -48.86
CA ASP C 253 -11.31 -41.05 -48.97
C ASP C 253 -11.53 -39.86 -49.88
N ILE C 254 -11.39 -38.65 -49.34
CA ILE C 254 -11.54 -37.41 -50.10
C ILE C 254 -10.17 -36.77 -50.22
N ILE C 255 -9.73 -36.53 -51.46
CA ILE C 255 -8.36 -36.06 -51.68
C ILE C 255 -8.33 -34.85 -52.61
N PHE C 256 -7.36 -33.98 -52.35
CA PHE C 256 -7.24 -32.67 -53.00
C PHE C 256 -5.81 -32.51 -53.50
N GLN C 257 -5.66 -32.40 -54.83
CA GLN C 257 -4.39 -32.25 -55.53
C GLN C 257 -4.32 -30.90 -56.23
N THR C 258 -3.19 -30.19 -56.06
CA THR C 258 -2.98 -28.88 -56.68
C THR C 258 -1.60 -28.81 -57.34
N ASP C 259 -1.51 -28.02 -58.41
CA ASP C 259 -0.28 -27.78 -59.15
C ASP C 259 0.38 -26.47 -58.70
N LEU C 260 1.36 -26.01 -59.49
CA LEU C 260 2.22 -24.91 -59.04
C LEU C 260 1.49 -23.57 -59.03
N THR C 261 0.71 -23.28 -60.07
CA THR C 261 0.04 -21.99 -60.18
C THR C 261 -1.43 -22.22 -60.53
N GLY C 262 -2.20 -21.14 -60.47
CA GLY C 262 -3.64 -21.28 -60.64
C GLY C 262 -4.36 -21.74 -59.38
N GLN C 263 -4.36 -20.90 -58.35
CA GLN C 263 -5.11 -21.16 -57.13
C GLN C 263 -6.40 -20.35 -57.12
N LYS C 264 -7.31 -20.74 -56.24
CA LYS C 264 -8.63 -20.13 -56.18
C LYS C 264 -9.15 -20.16 -54.74
N LYS C 265 -10.38 -19.66 -54.56
CA LYS C 265 -11.03 -19.61 -53.26
C LYS C 265 -10.93 -20.93 -52.51
N GLY C 266 -11.44 -22.00 -53.12
CA GLY C 266 -11.44 -23.32 -52.50
C GLY C 266 -12.85 -23.89 -52.37
N TRP C 267 -13.01 -24.78 -51.40
CA TRP C 267 -14.23 -25.57 -51.29
C TRP C 267 -14.54 -25.87 -49.84
N LYS C 268 -15.77 -26.30 -49.60
CA LYS C 268 -16.23 -26.72 -48.28
C LYS C 268 -17.28 -27.79 -48.50
N LEU C 269 -17.31 -28.78 -47.61
CA LEU C 269 -18.20 -29.92 -47.78
C LEU C 269 -18.60 -30.46 -46.40
N ARG C 270 -19.64 -31.30 -46.42
CA ARG C 270 -20.31 -31.73 -45.20
C ARG C 270 -20.92 -33.10 -45.40
N TYR C 271 -20.68 -34.03 -44.48
CA TYR C 271 -21.15 -35.40 -44.64
C TYR C 271 -22.04 -35.82 -43.46
N HIS C 272 -23.01 -36.68 -43.74
CA HIS C 272 -23.81 -37.32 -42.70
C HIS C 272 -23.99 -38.80 -43.06
N GLY C 273 -24.74 -39.51 -42.23
CA GLY C 273 -24.88 -40.95 -42.37
C GLY C 273 -26.26 -41.43 -42.77
N ASP C 274 -26.32 -42.62 -43.39
CA ASP C 274 -27.58 -43.25 -43.78
C ASP C 274 -27.47 -44.76 -43.58
N PRO C 275 -28.42 -45.39 -42.87
CA PRO C 275 -28.32 -46.83 -42.61
C PRO C 275 -28.39 -47.69 -43.88
N PRO D 1 -8.07 -17.87 25.07
CA PRO D 1 -6.64 -17.55 25.20
C PRO D 1 -6.10 -16.93 23.91
N THR D 2 -6.75 -15.87 23.44
CA THR D 2 -6.38 -15.17 22.23
C THR D 2 -6.39 -13.66 22.46
N MET D 3 -5.86 -12.93 21.49
CA MET D 3 -5.85 -11.48 21.51
C MET D 3 -7.04 -10.88 20.79
N TYR D 4 -7.86 -11.73 20.15
CA TYR D 4 -9.00 -11.33 19.36
C TYR D 4 -9.86 -12.56 19.15
N GLY D 5 -11.12 -12.35 18.79
CA GLY D 5 -11.99 -13.48 18.55
C GLY D 5 -13.34 -13.06 17.99
N GLU D 6 -14.03 -14.06 17.45
CA GLU D 6 -15.34 -13.91 16.82
C GLU D 6 -16.35 -14.80 17.51
N ILE D 7 -17.55 -14.27 17.76
CA ILE D 7 -18.64 -15.04 18.34
C ILE D 7 -19.88 -14.82 17.49
N LEU D 8 -20.42 -15.93 16.96
CA LEU D 8 -21.62 -15.91 16.14
C LEU D 8 -22.68 -16.84 16.74
N SER D 9 -23.94 -16.54 16.44
CA SER D 9 -25.01 -17.44 16.81
C SER D 9 -24.92 -18.73 15.98
N PRO D 10 -25.37 -19.86 16.53
CA PRO D 10 -25.38 -21.10 15.76
C PRO D 10 -26.15 -20.96 14.46
N ASN D 11 -25.57 -21.52 13.39
CA ASN D 11 -26.18 -21.53 12.05
C ASN D 11 -26.30 -20.12 11.47
N TYR D 12 -25.43 -19.21 11.89
CA TYR D 12 -25.44 -17.86 11.35
C TYR D 12 -25.12 -17.91 9.85
N PRO D 13 -25.71 -17.03 9.03
CA PRO D 13 -26.74 -16.05 9.39
C PRO D 13 -28.17 -16.52 9.18
N GLN D 14 -28.42 -17.81 9.37
CA GLN D 14 -29.77 -18.35 9.22
C GLN D 14 -30.49 -18.25 10.56
N ALA D 15 -31.69 -18.83 10.64
CA ALA D 15 -32.44 -18.82 11.89
C ALA D 15 -31.80 -19.76 12.91
N TYR D 16 -31.84 -19.34 14.21
CA TYR D 16 -31.22 -20.14 15.26
C TYR D 16 -32.18 -21.20 15.79
N PRO D 17 -31.65 -22.30 16.31
CA PRO D 17 -32.53 -23.32 16.89
C PRO D 17 -33.14 -22.86 18.21
N SER D 18 -34.29 -23.45 18.53
CA SER D 18 -35.00 -23.12 19.76
C SER D 18 -34.53 -24.02 20.91
N GLU D 19 -34.87 -23.61 22.13
CA GLU D 19 -34.49 -24.32 23.34
C GLU D 19 -32.97 -24.53 23.43
N VAL D 20 -32.23 -23.44 23.31
CA VAL D 20 -30.77 -23.54 23.34
C VAL D 20 -30.18 -22.65 24.41
N GLU D 21 -29.02 -23.06 24.91
CA GLU D 21 -28.22 -22.26 25.84
C GLU D 21 -26.76 -22.56 25.53
N LYS D 22 -26.11 -21.67 24.79
CA LYS D 22 -24.71 -21.83 24.45
C LYS D 22 -23.88 -20.79 25.19
N SER D 23 -22.69 -21.18 25.64
CA SER D 23 -21.83 -20.32 26.41
C SER D 23 -20.44 -20.31 25.80
N TRP D 24 -19.79 -19.15 25.88
CA TRP D 24 -18.41 -18.98 25.44
C TRP D 24 -17.62 -18.34 26.57
N ASP D 25 -16.42 -18.84 26.80
CA ASP D 25 -15.52 -18.32 27.83
C ASP D 25 -14.38 -17.59 27.14
N ILE D 26 -14.39 -16.27 27.21
CA ILE D 26 -13.32 -15.46 26.63
C ILE D 26 -12.16 -15.36 27.60
N GLU D 27 -10.95 -15.47 27.10
CA GLU D 27 -9.76 -15.37 27.92
C GLU D 27 -8.65 -14.67 27.14
N VAL D 28 -8.10 -13.62 27.73
CA VAL D 28 -6.95 -12.92 27.15
C VAL D 28 -5.82 -13.00 28.18
N PRO D 29 -4.57 -12.78 27.75
CA PRO D 29 -3.46 -12.89 28.70
C PRO D 29 -3.49 -11.84 29.79
N GLU D 30 -2.54 -11.93 30.72
CA GLU D 30 -2.52 -11.05 31.89
C GLU D 30 -2.42 -9.59 31.48
N GLY D 31 -3.07 -8.73 32.25
CA GLY D 31 -2.95 -7.29 32.08
C GLY D 31 -3.63 -6.71 30.86
N TYR D 32 -4.62 -7.40 30.29
CA TYR D 32 -5.38 -6.89 29.17
C TYR D 32 -6.85 -6.74 29.54
N GLY D 33 -7.45 -5.63 29.09
CA GLY D 33 -8.89 -5.49 29.11
C GLY D 33 -9.50 -6.06 27.83
N ILE D 34 -10.83 -6.03 27.79
CA ILE D 34 -11.57 -6.62 26.69
C ILE D 34 -12.57 -5.61 26.16
N HIS D 35 -12.63 -5.48 24.83
CA HIS D 35 -13.62 -4.65 24.14
C HIS D 35 -14.50 -5.57 23.31
N LEU D 36 -15.75 -5.72 23.72
CA LEU D 36 -16.69 -6.63 23.08
C LEU D 36 -17.79 -5.82 22.42
N TYR D 37 -17.94 -5.97 21.10
CA TYR D 37 -18.86 -5.16 20.33
C TYR D 37 -19.64 -6.03 19.36
N PHE D 38 -20.85 -5.59 19.06
CA PHE D 38 -21.80 -6.35 18.26
C PHE D 38 -21.94 -5.69 16.88
N THR D 39 -21.64 -6.45 15.83
CA THR D 39 -21.84 -5.96 14.48
C THR D 39 -23.21 -6.28 13.92
N HIS D 40 -23.91 -7.26 14.47
CA HIS D 40 -25.25 -7.60 14.00
C HIS D 40 -26.10 -8.06 15.16
N LEU D 41 -27.34 -7.57 15.22
CA LEU D 41 -28.25 -7.87 16.31
C LEU D 41 -29.66 -8.05 15.73
N ASP D 42 -30.16 -9.28 15.77
CA ASP D 42 -31.53 -9.58 15.33
C ASP D 42 -32.00 -10.77 16.17
N ILE D 43 -32.70 -10.47 17.27
CA ILE D 43 -33.11 -11.47 18.25
C ILE D 43 -34.58 -11.24 18.56
N GLU D 44 -35.27 -12.34 18.93
CA GLU D 44 -36.68 -12.26 19.30
C GLU D 44 -36.89 -11.22 20.39
N LEU D 45 -37.82 -10.30 20.14
CA LEU D 45 -38.04 -9.15 21.02
C LEU D 45 -38.97 -9.53 22.15
N SER D 46 -38.54 -9.28 23.38
CA SER D 46 -39.34 -9.55 24.57
C SER D 46 -39.03 -8.50 25.63
N GLU D 47 -40.02 -8.26 26.50
CA GLU D 47 -39.84 -7.27 27.55
C GLU D 47 -38.82 -7.78 28.57
N ASN D 48 -37.85 -6.92 28.91
CA ASN D 48 -36.72 -7.29 29.76
C ASN D 48 -35.94 -8.46 29.19
N CYS D 49 -35.98 -8.60 27.86
CA CYS D 49 -35.36 -9.73 27.16
C CYS D 49 -35.72 -11.06 27.81
N ALA D 50 -37.04 -11.32 27.86
CA ALA D 50 -37.54 -12.50 28.55
C ALA D 50 -37.43 -13.75 27.69
N TYR D 51 -38.05 -13.75 26.51
CA TYR D 51 -38.12 -14.95 25.68
C TYR D 51 -36.73 -15.41 25.25
N ASP D 52 -36.06 -14.62 24.42
CA ASP D 52 -34.72 -14.90 23.94
C ASP D 52 -33.80 -13.78 24.37
N SER D 53 -32.53 -14.12 24.64
CA SER D 53 -31.62 -13.09 25.10
C SER D 53 -30.18 -13.55 24.92
N VAL D 54 -29.29 -12.58 24.81
CA VAL D 54 -27.85 -12.81 24.86
C VAL D 54 -27.31 -12.07 26.08
N GLN D 55 -26.48 -12.75 26.86
CA GLN D 55 -26.10 -12.30 28.19
C GLN D 55 -24.59 -12.18 28.28
N ILE D 56 -24.13 -11.08 28.89
CA ILE D 56 -22.72 -10.79 29.06
C ILE D 56 -22.45 -10.77 30.56
N ILE D 57 -21.67 -11.75 31.03
CA ILE D 57 -21.33 -11.88 32.44
C ILE D 57 -19.80 -11.90 32.55
N SER D 58 -19.25 -10.98 33.33
CA SER D 58 -17.81 -10.91 33.58
C SER D 58 -17.54 -11.43 34.98
N GLY D 59 -16.90 -12.59 35.07
CA GLY D 59 -16.73 -13.20 36.37
C GLY D 59 -18.06 -13.65 36.92
N ASP D 60 -18.58 -12.91 37.91
CA ASP D 60 -19.84 -13.23 38.54
C ASP D 60 -20.95 -12.22 38.23
N THR D 61 -20.62 -11.06 37.66
CA THR D 61 -21.58 -9.98 37.49
C THR D 61 -22.06 -9.91 36.04
N GLU D 62 -23.36 -9.66 35.87
CA GLU D 62 -23.97 -9.62 34.55
C GLU D 62 -23.69 -8.25 33.95
N GLU D 63 -22.80 -8.21 32.95
CA GLU D 63 -22.45 -6.94 32.32
C GLU D 63 -23.50 -6.46 31.33
N GLY D 64 -24.37 -7.34 30.85
CA GLY D 64 -25.42 -6.89 29.96
C GLY D 64 -26.37 -8.02 29.62
N ARG D 65 -27.49 -7.62 29.01
CA ARG D 65 -28.49 -8.56 28.53
C ARG D 65 -29.21 -7.86 27.38
N LEU D 66 -29.04 -8.41 26.17
CA LEU D 66 -29.50 -7.74 24.96
C LEU D 66 -30.46 -8.64 24.18
N CYS D 67 -31.38 -7.99 23.48
CA CYS D 67 -32.35 -8.66 22.62
C CYS D 67 -32.95 -7.63 21.68
N GLY D 68 -33.70 -8.10 20.71
CA GLY D 68 -34.42 -7.25 19.78
C GLY D 68 -33.71 -7.14 18.43
N GLN D 69 -34.40 -6.48 17.51
CA GLN D 69 -33.88 -6.22 16.18
C GLN D 69 -33.29 -4.82 16.12
N ARG D 70 -32.02 -4.72 15.73
CA ARG D 70 -31.34 -3.44 15.62
C ARG D 70 -30.21 -3.57 14.61
N SER D 71 -30.10 -2.58 13.74
CA SER D 71 -29.04 -2.53 12.75
C SER D 71 -28.30 -1.20 12.85
N SER D 72 -27.09 -1.18 12.33
CA SER D 72 -26.23 0.00 12.46
C SER D 72 -26.81 1.18 11.70
N ASN D 73 -26.99 2.29 12.40
CA ASN D 73 -27.50 3.52 11.77
C ASN D 73 -26.39 4.26 11.02
N ASN D 74 -25.19 4.32 11.59
CA ASN D 74 -24.07 5.01 10.97
C ASN D 74 -23.54 4.22 9.79
N PRO D 75 -23.48 4.80 8.59
CA PRO D 75 -22.83 4.10 7.48
C PRO D 75 -21.32 4.05 7.61
N HIS D 76 -20.72 4.86 8.49
CA HIS D 76 -19.28 4.87 8.70
C HIS D 76 -18.84 3.89 9.77
N SER D 77 -19.77 3.27 10.51
CA SER D 77 -19.42 2.33 11.56
C SER D 77 -20.44 1.19 11.60
N PRO D 78 -19.99 -0.06 11.68
CA PRO D 78 -20.92 -1.20 11.78
C PRO D 78 -21.39 -1.53 13.19
N ILE D 79 -20.92 -0.79 14.20
CA ILE D 79 -21.18 -1.15 15.59
C ILE D 79 -22.59 -0.74 15.97
N VAL D 80 -23.30 -1.63 16.66
CA VAL D 80 -24.66 -1.40 17.13
C VAL D 80 -24.70 -1.26 18.65
N GLU D 81 -24.05 -2.18 19.37
CA GLU D 81 -23.89 -2.10 20.81
C GLU D 81 -22.47 -2.52 21.15
N GLU D 82 -21.96 -2.03 22.28
CA GLU D 82 -20.59 -2.34 22.63
C GLU D 82 -20.39 -2.18 24.14
N PHE D 83 -19.32 -2.80 24.62
CA PHE D 83 -18.96 -2.82 26.04
C PHE D 83 -17.45 -2.87 26.15
N GLN D 84 -16.92 -2.21 27.18
CA GLN D 84 -15.49 -2.19 27.48
C GLN D 84 -15.30 -2.57 28.93
N VAL D 85 -14.38 -3.51 29.19
CA VAL D 85 -14.18 -4.02 30.55
C VAL D 85 -12.69 -4.12 30.83
N PRO D 86 -12.31 -3.90 32.10
CA PRO D 86 -10.89 -3.97 32.46
C PRO D 86 -10.44 -5.36 32.90
N TYR D 87 -11.22 -6.39 32.59
CA TYR D 87 -10.90 -7.75 33.02
C TYR D 87 -10.32 -8.56 31.87
N ASN D 88 -9.59 -9.62 32.24
CA ASN D 88 -8.93 -10.48 31.28
C ASN D 88 -9.74 -11.72 30.93
N LYS D 89 -10.95 -11.87 31.48
CA LYS D 89 -11.80 -13.01 31.21
C LYS D 89 -13.25 -12.57 31.10
N LEU D 90 -14.01 -13.30 30.28
CA LEU D 90 -15.42 -13.01 30.07
C LEU D 90 -16.21 -14.30 29.91
N GLN D 91 -17.53 -14.19 30.03
CA GLN D 91 -18.44 -15.28 29.73
C GLN D 91 -19.66 -14.70 29.00
N VAL D 92 -20.06 -15.36 27.92
CA VAL D 92 -21.20 -14.94 27.12
C VAL D 92 -22.17 -16.11 27.04
N ILE D 93 -23.41 -15.91 27.46
CA ILE D 93 -24.41 -16.97 27.51
C ILE D 93 -25.61 -16.51 26.67
N PHE D 94 -25.80 -17.16 25.53
CA PHE D 94 -26.96 -16.91 24.68
C PHE D 94 -27.99 -18.01 24.89
N LYS D 95 -29.24 -17.60 25.13
CA LYS D 95 -30.31 -18.55 25.41
C LYS D 95 -31.57 -18.18 24.63
N SER D 96 -32.25 -19.20 24.10
CA SER D 96 -33.46 -19.03 23.30
C SER D 96 -34.50 -20.07 23.69
N ASP D 97 -35.75 -19.62 23.83
CA ASP D 97 -36.85 -20.49 24.25
C ASP D 97 -37.34 -21.33 23.07
N PHE D 98 -38.46 -22.03 23.28
CA PHE D 98 -38.90 -23.05 22.33
C PHE D 98 -39.64 -22.50 21.12
N SER D 99 -39.84 -21.18 21.02
CA SER D 99 -40.66 -20.63 19.95
C SER D 99 -40.07 -19.31 19.45
N ASN D 100 -40.27 -19.06 18.16
CA ASN D 100 -39.91 -17.80 17.52
C ASN D 100 -41.07 -17.34 16.67
N GLU D 101 -41.52 -16.10 16.88
CA GLU D 101 -42.64 -15.58 16.10
C GLU D 101 -42.25 -15.38 14.65
N GLU D 102 -41.07 -14.81 14.40
CA GLU D 102 -40.56 -14.58 13.06
C GLU D 102 -39.21 -15.27 12.90
N ARG D 103 -38.56 -15.02 11.76
CA ARG D 103 -37.21 -15.51 11.50
C ARG D 103 -36.22 -14.49 12.01
N PHE D 104 -35.36 -14.91 12.94
CA PHE D 104 -34.38 -14.03 13.56
C PHE D 104 -32.99 -14.60 13.31
N THR D 105 -32.14 -13.82 12.63
CA THR D 105 -30.84 -14.32 12.18
C THR D 105 -29.83 -14.43 13.30
N GLY D 106 -30.16 -14.00 14.52
CA GLY D 106 -29.26 -14.16 15.65
C GLY D 106 -28.44 -12.93 15.97
N PHE D 107 -27.12 -13.06 15.91
CA PHE D 107 -26.23 -11.96 16.24
C PHE D 107 -24.84 -12.28 15.72
N ALA D 108 -24.04 -11.23 15.53
CA ALA D 108 -22.65 -11.37 15.13
C ALA D 108 -21.84 -10.36 15.93
N ALA D 109 -20.87 -10.86 16.70
CA ALA D 109 -20.07 -10.01 17.57
C ALA D 109 -18.61 -10.44 17.52
N TYR D 110 -17.74 -9.53 17.97
CA TYR D 110 -16.31 -9.76 17.99
C TYR D 110 -15.72 -9.12 19.25
N TYR D 111 -14.62 -9.69 19.74
CA TYR D 111 -13.93 -9.15 20.90
C TYR D 111 -12.45 -8.98 20.57
N VAL D 112 -11.84 -7.95 21.16
CA VAL D 112 -10.42 -7.68 21.02
C VAL D 112 -9.85 -7.34 22.39
N ALA D 113 -8.59 -7.73 22.60
CA ALA D 113 -7.91 -7.46 23.86
C ALA D 113 -7.26 -6.08 23.81
N THR D 114 -7.48 -5.28 24.84
CA THR D 114 -6.91 -3.95 24.95
C THR D 114 -6.00 -3.87 26.17
N ASP D 115 -4.93 -3.09 26.04
CA ASP D 115 -4.03 -2.90 27.17
C ASP D 115 -4.71 -2.10 28.26
N ILE D 116 -4.41 -2.45 29.51
CA ILE D 116 -4.84 -1.65 30.65
C ILE D 116 -3.75 -0.63 30.93
N ASN D 117 -4.13 0.65 30.93
CA ASN D 117 -3.20 1.72 31.30
C ASN D 117 -3.31 1.86 32.81
N GLU D 118 -2.50 1.07 33.52
CA GLU D 118 -2.67 0.90 34.96
C GLU D 118 -2.57 2.22 35.70
N CYS D 119 -1.87 3.21 35.14
CA CYS D 119 -1.74 4.51 35.79
C CYS D 119 -3.08 5.23 35.80
N THR D 120 -3.74 5.31 34.65
CA THR D 120 -4.98 6.06 34.50
C THR D 120 -6.23 5.19 34.62
N ASP D 121 -6.17 3.92 34.19
CA ASP D 121 -7.38 3.09 34.15
C ASP D 121 -7.90 2.71 35.52
N PHE D 122 -7.06 2.69 36.56
CA PHE D 122 -7.48 2.31 37.89
C PHE D 122 -7.59 3.51 38.82
N VAL D 123 -8.45 3.35 39.83
CA VAL D 123 -8.61 4.37 40.87
C VAL D 123 -7.42 4.37 41.81
N ASP D 124 -6.97 3.19 42.23
CA ASP D 124 -5.76 3.05 43.03
C ASP D 124 -4.55 2.97 42.11
N VAL D 125 -3.58 3.85 42.31
CA VAL D 125 -2.36 3.88 41.52
C VAL D 125 -1.28 3.14 42.31
N PRO D 126 -0.73 2.05 41.78
CA PRO D 126 0.26 1.27 42.55
C PRO D 126 1.68 1.81 42.47
N CYS D 127 1.84 3.12 42.58
CA CYS D 127 3.15 3.75 42.62
C CYS D 127 3.09 4.97 43.52
N SER D 128 4.10 5.14 44.37
CA SER D 128 4.12 6.25 45.30
C SER D 128 4.28 7.59 44.58
N HIS D 129 5.23 7.67 43.65
CA HIS D 129 5.56 8.93 43.00
C HIS D 129 5.22 8.96 41.52
N PHE D 130 5.81 8.08 40.70
CA PHE D 130 5.62 8.12 39.26
C PHE D 130 5.26 6.74 38.73
N CYS D 131 4.34 6.72 37.76
CA CYS D 131 3.84 5.48 37.16
C CYS D 131 4.25 5.41 35.69
N ASN D 132 4.67 4.21 35.27
CA ASN D 132 5.02 3.94 33.88
C ASN D 132 4.18 2.78 33.38
N ASN D 133 3.37 3.04 32.36
CA ASN D 133 2.55 2.01 31.73
C ASN D 133 3.28 1.43 30.51
N PHE D 134 3.11 0.13 30.30
CA PHE D 134 3.52 -0.47 29.05
C PHE D 134 2.52 -1.56 28.68
N ILE D 135 2.58 -1.97 27.41
CA ILE D 135 1.60 -2.93 26.89
C ILE D 135 1.79 -4.25 27.62
N GLY D 136 0.85 -4.58 28.49
CA GLY D 136 0.92 -5.80 29.27
C GLY D 136 1.35 -5.64 30.72
N GLY D 137 1.70 -4.44 31.16
CA GLY D 137 2.04 -4.25 32.55
C GLY D 137 2.43 -2.83 32.88
N TYR D 138 3.14 -2.69 34.00
CA TYR D 138 3.51 -1.38 34.51
C TYR D 138 4.76 -1.52 35.38
N PHE D 139 5.40 -0.39 35.62
CA PHE D 139 6.49 -0.32 36.60
C PHE D 139 6.64 1.14 37.04
N CYS D 140 7.14 1.32 38.27
CA CYS D 140 7.16 2.62 38.91
C CYS D 140 8.50 3.32 38.69
N SER D 141 8.47 4.64 38.82
CA SER D 141 9.68 5.45 38.78
C SER D 141 9.56 6.56 39.83
N CYS D 142 10.69 7.20 40.10
CA CYS D 142 10.86 8.06 41.26
C CYS D 142 11.51 9.37 40.85
N PRO D 143 11.41 10.41 41.69
CA PRO D 143 12.02 11.71 41.36
C PRO D 143 13.54 11.68 41.51
N PRO D 144 14.22 12.79 41.22
CA PRO D 144 15.68 12.83 41.40
C PRO D 144 16.13 12.41 42.79
N GLU D 145 17.17 11.58 42.83
CA GLU D 145 17.77 11.07 44.06
C GLU D 145 16.73 10.40 44.97
N TYR D 146 15.88 9.58 44.36
CA TYR D 146 14.99 8.69 45.08
C TYR D 146 15.33 7.24 44.73
N PHE D 147 15.19 6.36 45.72
CA PHE D 147 15.54 4.95 45.57
C PHE D 147 14.30 4.09 45.80
N LEU D 148 14.13 3.09 44.95
CA LEU D 148 12.95 2.25 44.99
C LEU D 148 13.08 1.19 46.09
N HIS D 149 11.99 1.00 46.83
CA HIS D 149 11.97 0.00 47.88
C HIS D 149 11.85 -1.40 47.28
N ASP D 150 12.24 -2.41 48.05
CA ASP D 150 12.24 -3.78 47.53
C ASP D 150 10.84 -4.27 47.19
N ASP D 151 9.81 -3.62 47.72
CA ASP D 151 8.44 -3.92 47.29
C ASP D 151 8.16 -3.46 45.87
N MET D 152 9.12 -2.80 45.22
CA MET D 152 9.05 -2.34 43.84
C MET D 152 7.90 -1.38 43.58
N LYS D 153 7.31 -0.83 44.64
CA LYS D 153 6.12 0.02 44.54
C LYS D 153 6.34 1.42 45.07
N ASN D 154 6.91 1.55 46.27
CA ASN D 154 7.10 2.84 46.91
C ASN D 154 8.55 3.27 46.81
N CYS D 155 8.75 4.59 46.71
CA CYS D 155 10.09 5.16 46.62
C CYS D 155 10.50 5.68 48.00
N GLY D 156 11.80 5.87 48.17
CA GLY D 156 12.32 6.41 49.40
C GLY D 156 13.46 7.37 49.11
N VAL D 157 13.69 8.25 50.07
CA VAL D 157 14.83 9.17 50.01
C VAL D 157 15.74 8.86 51.19
N ASN D 158 17.04 9.07 51.00
CA ASN D 158 17.95 8.96 52.10
C ASN D 158 17.84 10.19 52.99
N CYS D 159 17.99 9.98 54.30
CA CYS D 159 17.81 11.06 55.26
C CYS D 159 18.90 12.10 55.16
N SER D 160 20.13 11.68 54.89
CA SER D 160 21.24 12.62 54.73
C SER D 160 22.25 12.03 53.75
N GLY D 161 23.03 12.92 53.14
CA GLY D 161 24.16 12.59 52.30
C GLY D 161 24.07 12.87 50.80
N ASP D 162 23.10 13.68 50.36
CA ASP D 162 22.93 13.95 48.93
C ASP D 162 22.98 15.44 48.68
N VAL D 163 23.40 15.82 47.47
CA VAL D 163 23.52 17.21 47.07
C VAL D 163 22.60 17.46 45.88
N PHE D 164 21.59 18.30 46.07
CA PHE D 164 20.63 18.62 45.03
C PHE D 164 21.18 19.75 44.16
N THR D 165 21.16 19.54 42.84
CA THR D 165 21.53 20.58 41.90
C THR D 165 20.42 20.97 40.94
N ALA D 166 19.34 20.20 40.88
CA ALA D 166 18.24 20.52 39.98
C ALA D 166 17.50 21.77 40.44
N LEU D 167 16.96 22.51 39.46
CA LEU D 167 16.20 23.71 39.76
C LEU D 167 14.85 23.36 40.38
N ILE D 168 14.20 22.30 39.88
CA ILE D 168 12.93 21.83 40.39
C ILE D 168 13.10 20.37 40.79
N GLY D 169 12.76 20.06 42.04
CA GLY D 169 12.91 18.70 42.52
C GLY D 169 12.00 18.44 43.71
N GLU D 170 12.00 17.19 44.16
CA GLU D 170 11.17 16.75 45.27
C GLU D 170 12.05 16.23 46.40
N ILE D 171 11.56 16.40 47.62
CA ILE D 171 12.21 15.87 48.83
C ILE D 171 11.11 15.38 49.76
N ALA D 172 11.34 14.26 50.43
CA ALA D 172 10.38 13.71 51.37
C ALA D 172 11.10 13.21 52.61
N SER D 173 10.33 12.82 53.60
CA SER D 173 10.87 12.13 54.75
C SER D 173 11.12 10.66 54.41
N PRO D 174 12.05 10.01 55.09
CA PRO D 174 12.32 8.60 54.77
C PRO D 174 11.11 7.72 55.02
N ASN D 175 10.97 6.70 54.18
CA ASN D 175 9.90 5.71 54.18
C ASN D 175 8.55 6.27 53.77
N TYR D 176 8.46 7.55 53.43
CA TYR D 176 7.17 8.17 53.14
C TYR D 176 6.43 7.37 52.07
N PRO D 177 5.11 7.17 52.20
CA PRO D 177 4.26 7.71 53.27
C PRO D 177 4.21 6.88 54.56
N LYS D 178 5.14 5.94 54.74
CA LYS D 178 5.21 5.19 55.97
C LYS D 178 5.76 6.08 57.09
N PRO D 179 5.55 5.71 58.35
CA PRO D 179 5.99 6.57 59.46
C PRO D 179 7.51 6.78 59.45
N TYR D 180 7.92 7.97 59.87
CA TYR D 180 9.33 8.32 59.83
C TYR D 180 10.11 7.63 60.94
N PRO D 181 11.40 7.34 60.71
CA PRO D 181 12.20 6.68 61.74
C PRO D 181 12.52 7.60 62.90
N GLU D 182 12.72 6.99 64.06
CA GLU D 182 12.97 7.69 65.30
C GLU D 182 14.45 7.99 65.48
N ASN D 183 14.74 8.99 66.33
CA ASN D 183 16.10 9.29 66.78
C ASN D 183 17.01 9.61 65.59
N SER D 184 16.55 10.50 64.72
CA SER D 184 17.27 10.83 63.51
C SER D 184 17.41 12.34 63.33
N ARG D 185 18.52 12.73 62.72
CA ARG D 185 18.81 14.13 62.36
C ARG D 185 19.09 14.14 60.86
N CYS D 186 18.18 14.70 60.08
CA CYS D 186 18.27 14.67 58.62
C CYS D 186 18.54 16.06 58.08
N GLU D 187 19.62 16.18 57.33
CA GLU D 187 20.02 17.44 56.71
C GLU D 187 20.08 17.24 55.20
N TYR D 188 19.26 17.98 54.47
CA TYR D 188 19.27 17.99 53.02
C TYR D 188 19.72 19.36 52.53
N GLN D 189 20.47 19.37 51.42
CA GLN D 189 21.07 20.60 50.92
C GLN D 189 20.68 20.82 49.47
N ILE D 190 20.19 22.02 49.16
CA ILE D 190 19.87 22.43 47.80
C ILE D 190 20.81 23.55 47.39
N ARG D 191 21.44 23.40 46.22
CA ARG D 191 22.44 24.34 45.72
C ARG D 191 22.10 24.71 44.28
N LEU D 192 21.73 25.96 44.05
CA LEU D 192 21.47 26.51 42.73
C LEU D 192 22.56 27.51 42.36
N GLU D 193 22.46 28.05 41.15
CA GLU D 193 23.35 29.13 40.74
C GLU D 193 23.09 30.36 41.59
N LYS D 194 24.13 31.22 41.69
CA LYS D 194 24.03 32.40 42.54
C LYS D 194 22.87 33.29 42.11
N GLY D 195 22.60 33.38 40.81
CA GLY D 195 21.58 34.26 40.28
C GLY D 195 20.16 33.79 40.52
N PHE D 196 19.97 32.54 40.95
CA PHE D 196 18.64 31.97 41.13
C PHE D 196 18.21 31.98 42.59
N GLN D 197 16.89 31.87 42.79
CA GLN D 197 16.26 31.83 44.11
C GLN D 197 15.50 30.53 44.26
N VAL D 198 15.69 29.87 45.39
CA VAL D 198 14.93 28.66 45.72
C VAL D 198 13.58 29.08 46.29
N VAL D 199 12.50 28.64 45.64
CA VAL D 199 11.15 28.82 46.16
C VAL D 199 10.56 27.44 46.44
N VAL D 200 10.12 27.23 47.67
CA VAL D 200 9.71 25.94 48.18
C VAL D 200 8.19 25.90 48.32
N THR D 201 7.59 24.83 47.80
CA THR D 201 6.17 24.56 47.97
C THR D 201 5.98 23.21 48.66
N LEU D 202 5.02 23.15 49.58
CA LEU D 202 4.62 21.89 50.20
C LEU D 202 3.16 22.00 50.64
N ARG D 203 2.41 20.93 50.41
CA ARG D 203 0.98 20.94 50.70
C ARG D 203 0.71 20.87 52.19
N ARG D 204 -0.33 21.57 52.63
CA ARG D 204 -0.67 21.63 54.05
C ARG D 204 -1.03 20.28 54.63
N GLU D 205 -1.67 19.41 53.83
CA GLU D 205 -2.10 18.11 54.34
C GLU D 205 -1.00 17.06 54.33
N ASP D 206 0.09 17.30 53.61
CA ASP D 206 1.22 16.37 53.59
C ASP D 206 2.23 16.71 54.67
N PHE D 207 1.74 16.81 55.91
CA PHE D 207 2.59 17.15 57.04
C PHE D 207 1.95 16.63 58.31
N ASP D 208 2.62 15.71 59.00
CA ASP D 208 2.11 15.16 60.24
C ASP D 208 3.33 14.76 61.09
N VAL D 209 3.64 15.58 62.08
CA VAL D 209 4.78 15.36 62.98
C VAL D 209 4.26 15.40 64.41
N GLU D 210 4.97 14.73 65.31
CA GLU D 210 4.61 14.70 66.72
C GLU D 210 4.37 16.11 67.26
N ALA D 211 3.26 16.27 67.95
CA ALA D 211 2.84 17.57 68.44
C ALA D 211 3.78 18.09 69.53
N ALA D 212 3.71 19.40 69.77
CA ALA D 212 4.52 20.07 70.77
C ALA D 212 3.94 19.83 72.16
N ASP D 213 4.73 20.20 73.17
CA ASP D 213 4.29 20.12 74.55
C ASP D 213 3.28 21.24 74.86
N SER D 214 2.84 21.28 76.12
CA SER D 214 1.88 22.31 76.53
C SER D 214 2.46 23.71 76.36
N ALA D 215 3.75 23.87 76.61
CA ALA D 215 4.39 25.19 76.50
C ALA D 215 4.58 25.64 75.06
N GLY D 216 4.37 24.75 74.09
CA GLY D 216 4.52 25.10 72.69
C GLY D 216 5.87 24.77 72.09
N ASN D 217 6.72 24.03 72.79
CA ASN D 217 8.02 23.64 72.27
C ASN D 217 7.90 22.32 71.51
N CYS D 218 8.38 22.30 70.28
CA CYS D 218 8.29 21.10 69.44
C CYS D 218 9.20 20.00 69.99
N LEU D 219 8.62 18.83 70.25
CA LEU D 219 9.41 17.69 70.68
C LEU D 219 10.17 17.07 69.51
N ASP D 220 9.53 17.01 68.36
CA ASP D 220 10.20 16.74 67.09
C ASP D 220 10.00 17.96 66.21
N SER D 221 11.03 18.33 65.45
CA SER D 221 11.00 19.61 64.76
C SER D 221 11.57 19.48 63.36
N LEU D 222 11.04 20.31 62.46
CA LEU D 222 11.57 20.48 61.12
C LEU D 222 11.83 21.96 60.92
N VAL D 223 12.93 22.29 60.25
CA VAL D 223 13.41 23.67 60.24
C VAL D 223 14.18 23.92 58.95
N PHE D 224 13.93 25.10 58.37
CA PHE D 224 14.52 25.52 57.11
C PHE D 224 15.49 26.65 57.38
N VAL D 225 16.74 26.47 56.98
CA VAL D 225 17.81 27.46 57.16
C VAL D 225 18.21 27.98 55.79
N ALA D 226 18.14 29.30 55.62
CA ALA D 226 18.56 29.98 54.40
C ALA D 226 19.56 31.07 54.82
N GLY D 227 20.83 30.70 54.92
CA GLY D 227 21.85 31.63 55.36
C GLY D 227 21.56 32.16 56.75
N ASP D 228 21.16 33.44 56.82
CA ASP D 228 20.76 34.03 58.08
C ASP D 228 19.27 33.84 58.36
N ARG D 229 18.44 33.89 57.32
CA ARG D 229 17.00 33.74 57.50
C ARG D 229 16.65 32.29 57.84
N GLN D 230 15.52 32.13 58.53
CA GLN D 230 15.15 30.83 59.07
C GLN D 230 13.63 30.74 59.15
N PHE D 231 13.07 29.63 58.66
CA PHE D 231 11.65 29.36 58.76
C PHE D 231 11.46 28.10 59.60
N GLY D 232 10.71 28.23 60.69
CA GLY D 232 10.52 27.15 61.62
C GLY D 232 10.93 27.52 63.04
N PRO D 233 10.96 26.53 63.95
CA PRO D 233 10.64 25.12 63.71
C PRO D 233 9.15 24.83 63.60
N TYR D 234 8.79 23.88 62.73
CA TYR D 234 7.40 23.51 62.51
C TYR D 234 7.16 22.09 63.04
N CYS D 235 5.98 21.89 63.63
CA CYS D 235 5.60 20.57 64.11
C CYS D 235 4.08 20.52 64.25
N GLY D 236 3.57 19.34 64.57
CA GLY D 236 2.14 19.10 64.70
C GLY D 236 1.56 18.43 63.46
N HIS D 237 0.26 18.15 63.54
CA HIS D 237 -0.49 17.57 62.44
C HIS D 237 -1.00 18.68 61.55
N GLY D 238 -0.46 18.79 60.35
CA GLY D 238 -0.84 19.85 59.44
C GLY D 238 0.22 20.95 59.42
N PHE D 239 0.61 21.37 58.23
CA PHE D 239 1.65 22.38 58.09
C PHE D 239 1.10 23.75 58.48
N PRO D 240 1.67 24.42 59.49
CA PRO D 240 1.12 25.73 59.89
C PRO D 240 1.52 26.88 58.98
N GLY D 241 2.64 26.77 58.27
CA GLY D 241 3.10 27.85 57.42
C GLY D 241 2.37 27.90 56.10
N PRO D 242 2.64 28.96 55.33
CA PRO D 242 2.02 29.09 54.01
C PRO D 242 2.51 28.01 53.06
N LEU D 243 1.67 27.71 52.07
CA LEU D 243 1.98 26.65 51.11
C LEU D 243 3.04 27.05 50.09
N ASN D 244 3.20 28.35 49.83
CA ASN D 244 4.21 28.84 48.89
C ASN D 244 5.15 29.77 49.64
N ILE D 245 6.43 29.40 49.68
CA ILE D 245 7.44 30.15 50.43
C ILE D 245 8.57 30.54 49.50
N GLU D 246 8.94 31.82 49.51
CA GLU D 246 10.09 32.31 48.79
C GLU D 246 11.21 32.58 49.79
N THR D 247 12.35 31.92 49.60
CA THR D 247 13.46 32.02 50.54
C THR D 247 14.43 33.14 50.23
N LYS D 248 14.43 33.64 48.99
CA LYS D 248 15.37 34.66 48.55
C LYS D 248 16.81 34.22 48.80
N SER D 249 17.14 33.02 48.31
CA SER D 249 18.45 32.44 48.52
C SER D 249 18.65 31.29 47.53
N ASN D 250 19.90 31.12 47.09
CA ASN D 250 20.25 30.05 46.16
C ASN D 250 20.71 28.77 46.85
N ALA D 251 20.95 28.80 48.16
CA ALA D 251 21.38 27.62 48.90
C ALA D 251 20.49 27.44 50.11
N LEU D 252 19.99 26.22 50.33
CA LEU D 252 19.01 25.97 51.37
C LEU D 252 19.35 24.68 52.12
N ASP D 253 19.22 24.73 53.45
CA ASP D 253 19.48 23.58 54.32
C ASP D 253 18.20 23.21 55.08
N ILE D 254 17.75 21.97 54.92
CA ILE D 254 16.55 21.47 55.58
C ILE D 254 16.97 20.47 56.65
N ILE D 255 16.51 20.69 57.88
CA ILE D 255 16.93 19.89 59.03
C ILE D 255 15.71 19.31 59.71
N PHE D 256 15.81 18.05 60.13
CA PHE D 256 14.70 17.27 60.66
C PHE D 256 15.19 16.52 61.89
N GLN D 257 14.65 16.86 63.06
CA GLN D 257 15.04 16.24 64.31
C GLN D 257 13.86 15.47 64.91
N THR D 258 14.13 14.22 65.31
CA THR D 258 13.14 13.34 65.91
C THR D 258 13.72 12.68 67.15
N ASP D 259 12.84 12.41 68.12
CA ASP D 259 13.18 11.68 69.33
C ASP D 259 12.79 10.21 69.19
N LEU D 260 12.81 9.46 70.29
CA LEU D 260 12.67 8.01 70.21
C LEU D 260 11.24 7.59 69.89
N THR D 261 10.25 8.23 70.50
CA THR D 261 8.87 7.82 70.31
C THR D 261 8.02 9.04 69.97
N GLY D 262 6.79 8.77 69.58
CA GLY D 262 5.94 9.81 69.04
C GLY D 262 6.28 10.06 67.58
N GLN D 263 6.05 9.05 66.74
CA GLN D 263 6.23 9.17 65.30
C GLN D 263 4.88 9.36 64.62
N LYS D 264 4.92 9.81 63.37
CA LYS D 264 3.72 10.10 62.62
C LYS D 264 3.99 9.83 61.14
N LYS D 265 2.96 10.10 60.32
CA LYS D 265 3.04 9.86 58.87
C LYS D 265 4.30 10.46 58.27
N GLY D 266 4.50 11.78 58.42
CA GLY D 266 5.65 12.46 57.88
C GLY D 266 5.24 13.60 56.95
N TRP D 267 6.14 13.91 56.02
CA TRP D 267 5.98 15.10 55.19
C TRP D 267 6.55 14.86 53.81
N LYS D 268 6.15 15.72 52.87
CA LYS D 268 6.63 15.70 51.50
C LYS D 268 6.61 17.12 50.96
N LEU D 269 7.59 17.46 50.13
CA LEU D 269 7.74 18.83 49.63
C LEU D 269 8.41 18.81 48.26
N ARG D 270 8.34 19.96 47.58
CA ARG D 270 8.81 20.10 46.21
C ARG D 270 9.20 21.56 45.99
N TYR D 271 10.37 21.79 45.41
CA TYR D 271 10.91 23.12 45.23
C TYR D 271 11.15 23.41 43.76
N HIS D 272 11.01 24.67 43.38
CA HIS D 272 11.38 25.14 42.05
C HIS D 272 12.17 26.44 42.18
N GLY D 273 12.56 26.99 41.05
CA GLY D 273 13.41 28.16 41.03
C GLY D 273 12.74 29.41 40.49
N ASP D 274 13.23 30.57 40.90
CA ASP D 274 12.74 31.85 40.38
C ASP D 274 13.97 32.74 40.28
N PRO D 275 14.23 33.35 39.12
CA PRO D 275 15.45 34.14 38.96
C PRO D 275 15.50 35.36 39.88
N MET D 276 16.68 35.95 39.96
CA MET D 276 16.93 37.12 40.81
C MET D 276 17.45 38.29 40.00
C1 NAG E . -31.11 -26.52 -3.67
C2 NAG E . -30.52 -27.67 -4.48
C3 NAG E . -31.50 -28.83 -4.49
C4 NAG E . -31.88 -29.22 -3.06
C5 NAG E . -32.36 -28.00 -2.28
C6 NAG E . -32.59 -28.30 -0.82
C7 NAG E . -29.31 -27.87 -6.59
C8 NAG E . -29.11 -27.31 -7.98
N2 NAG E . -30.22 -27.25 -5.84
O3 NAG E . -30.89 -29.93 -5.15
O4 NAG E . -32.94 -30.17 -3.09
O5 NAG E . -31.38 -26.96 -2.34
O6 NAG E . -33.70 -29.17 -0.63
O7 NAG E . -28.66 -28.84 -6.19
C1 NAG E . -32.41 -31.51 -3.02
C2 NAG E . -33.48 -32.41 -2.44
C3 NAG E . -33.23 -33.89 -2.80
C4 NAG E . -31.80 -34.15 -3.24
C5 NAG E . -31.28 -33.14 -4.27
C6 NAG E . -31.26 -33.70 -5.68
C7 NAG E . -32.62 -32.41 -0.11
C8 NAG E . -32.98 -32.17 1.33
N2 NAG E . -33.61 -32.24 -0.99
O3 NAG E . -34.15 -34.28 -3.82
O4 NAG E . -30.93 -34.18 -2.12
O5 NAG E . -32.09 -31.96 -4.30
O6 NAG E . -30.82 -32.72 -6.61
O7 NAG E . -31.49 -32.74 -0.44
C1 BMA E . -30.42 -35.52 -1.98
C2 BMA E . -29.44 -35.54 -0.81
C3 BMA E . -28.96 -37.01 -0.60
C4 BMA E . -30.16 -37.98 -0.45
C5 BMA E . -31.07 -37.83 -1.69
C6 BMA E . -32.32 -38.72 -1.67
O2 BMA E . -30.10 -35.13 0.38
O3 BMA E . -27.84 -37.21 0.37
O4 BMA E . -29.70 -39.32 -0.36
O5 BMA E . -31.49 -36.45 -1.79
O6 BMA E . -32.91 -38.68 -2.99
C1 MAN E . -28.05 -36.98 1.80
C2 MAN E . -27.89 -38.38 2.50
C3 MAN E . -29.24 -38.89 2.98
C4 MAN E . -29.92 -37.90 3.95
C5 MAN E . -29.75 -36.42 3.50
C6 MAN E . -28.81 -35.59 4.38
O2 MAN E . -27.06 -38.28 3.67
O3 MAN E . -29.13 -40.17 3.60
O4 MAN E . -31.31 -38.20 4.06
O5 MAN E . -29.31 -36.37 2.12
O6 MAN E . -28.11 -36.47 5.26
C1 GAL E . -31.94 -38.38 2.78
C2 GAL E . -32.99 -39.49 2.95
C3 GAL E . -34.21 -38.83 3.54
C4 GAL E . -34.89 -37.92 2.44
C5 GAL E . -33.79 -37.25 1.59
C6 GAL E . -34.12 -35.84 1.12
O2 GAL E . -33.32 -40.19 1.73
O3 GAL E . -33.76 -38.06 4.64
O4 GAL E . -35.83 -36.90 2.92
O5 GAL E . -32.52 -37.16 2.29
O6 GAL E . -33.19 -35.39 0.14
C1 NAG E . -36.41 -37.12 4.24
C2 NAG E . -36.72 -35.73 4.84
C3 NAG E . -38.23 -35.50 4.95
C4 NAG E . -38.92 -36.62 5.72
C5 NAG E . -38.23 -37.94 5.48
C6 NAG E . -39.16 -39.13 5.49
C7 NAG E . -34.75 -35.36 6.26
C8 NAG E . -34.24 -35.21 7.67
N2 NAG E . -36.07 -35.56 6.13
O3 NAG E . -38.79 -35.37 3.65
O4 NAG E . -38.95 -36.33 7.12
O5 NAG E . -37.59 -37.91 4.20
O6 NAG E . -39.49 -39.52 6.82
O7 NAG E . -33.99 -35.31 5.30
C1 MAN E . -33.29 -40.01 -3.41
C2 MAN E . -32.12 -40.62 -4.26
C3 MAN E . -32.52 -41.99 -4.86
C4 MAN E . -34.02 -42.06 -5.21
C5 MAN E . -34.58 -40.66 -5.41
C6 MAN E . -36.02 -40.66 -5.90
O2 MAN E . -30.97 -40.87 -3.46
O3 MAN E . -32.15 -43.06 -3.99
O4 MAN E . -34.20 -42.82 -6.39
O5 MAN E . -34.53 -39.94 -4.15
O6 MAN E . -36.12 -41.58 -6.98
C1 NAG F . -32.06 -22.87 -41.85
C2 NAG F . -33.35 -22.19 -42.33
C3 NAG F . -34.26 -23.21 -43.00
C4 NAG F . -33.51 -23.89 -44.13
C5 NAG F . -32.23 -24.53 -43.60
C6 NAG F . -31.37 -25.14 -44.69
C7 NAG F . -34.49 -22.07 -40.14
C8 NAG F . -35.19 -21.16 -39.17
N2 NAG F . -34.05 -21.49 -41.25
O3 NAG F . -35.42 -22.55 -43.49
O4 NAG F . -34.32 -24.89 -44.77
O5 NAG F . -31.41 -23.54 -42.96
O6 NAG F . -30.19 -25.74 -44.16
O7 NAG F . -34.33 -23.26 -39.90
C1 NAG F . -34.79 -24.36 -46.02
C2 NAG F . -35.08 -25.51 -46.99
C3 NAG F . -35.70 -24.98 -48.28
C4 NAG F . -36.92 -24.14 -47.97
C5 NAG F . -36.51 -23.00 -47.03
C6 NAG F . -37.66 -22.11 -46.64
C7 NAG F . -33.60 -27.47 -46.78
C8 NAG F . -34.66 -28.05 -45.88
N2 NAG F . -33.87 -26.26 -47.28
O3 NAG F . -36.06 -26.08 -49.12
O4 NAG F . -37.52 -23.61 -49.15
O5 NAG F . -35.98 -23.57 -45.83
O6 NAG F . -37.54 -20.82 -47.24
O7 NAG F . -32.57 -28.08 -47.04
C1 BMA F . -38.72 -24.37 -49.43
C2 BMA F . -39.97 -23.44 -49.49
C3 BMA F . -41.07 -24.10 -50.38
C4 BMA F . -40.96 -25.65 -50.44
C5 BMA F . -39.53 -26.14 -50.79
C6 BMA F . -39.42 -26.71 -52.21
O2 BMA F . -39.65 -22.19 -50.06
O3 BMA F . -41.09 -23.52 -51.71
O4 BMA F . -41.39 -26.24 -49.22
O5 BMA F . -38.60 -25.05 -50.66
O6 BMA F . -39.25 -28.12 -52.11
C1 MAN F . -42.36 -23.65 -52.43
C2 MAN F . -43.57 -23.25 -51.51
C3 MAN F . -44.58 -24.43 -51.37
C4 MAN F . -44.96 -25.10 -52.72
C5 MAN F . -43.76 -25.22 -53.68
C6 MAN F . -43.88 -24.26 -54.86
O2 MAN F . -44.32 -22.15 -52.06
O3 MAN F . -45.78 -24.00 -50.73
O4 MAN F . -45.47 -26.40 -52.48
O5 MAN F . -42.52 -24.96 -52.99
O6 MAN F . -44.90 -23.30 -54.59
C1 NAG F . -43.93 -20.91 -51.43
C2 NAG F . -44.24 -21.02 -49.93
C3 NAG F . -43.38 -20.04 -49.13
C4 NAG F . -42.91 -18.86 -49.97
C5 NAG F . -42.20 -19.29 -51.25
C6 NAG F . -40.69 -19.26 -51.13
C7 NAG F . -46.31 -21.35 -48.65
C8 NAG F . -47.77 -21.02 -48.53
N2 NAG F . -45.66 -20.80 -49.68
O3 NAG F . -42.26 -20.72 -48.59
O4 NAG F . -44.01 -18.02 -50.30
O5 NAG F . -42.54 -20.64 -51.60
O6 NAG F . -40.24 -18.00 -50.64
O7 NAG F . -45.74 -22.07 -47.83
C1 GAL F . -43.77 -16.64 -49.95
C2 GAL F . -43.68 -16.50 -48.43
C3 GAL F . -43.72 -15.02 -48.07
C4 GAL F . -42.55 -14.27 -48.76
C5 GAL F . -42.34 -14.72 -50.23
C6 GAL F . -40.95 -14.42 -50.79
O2 GAL F . -44.76 -17.13 -47.77
O3 GAL F . -43.58 -14.84 -46.67
O4 GAL F . -41.34 -14.45 -48.03
O5 GAL F . -42.54 -16.14 -50.47
O6 GAL F . -39.96 -14.59 -49.80
C1 MAN F . -37.83 -28.41 -51.96
C2 MAN F . -37.26 -28.76 -53.36
C3 MAN F . -36.04 -29.68 -53.22
C4 MAN F . -35.33 -29.44 -51.88
C5 MAN F . -36.27 -29.87 -50.74
C6 MAN F . -35.88 -29.30 -49.39
O2 MAN F . -36.81 -27.60 -54.05
O3 MAN F . -35.13 -29.50 -54.30
O4 MAN F . -34.14 -30.21 -51.82
O5 MAN F . -37.65 -29.45 -51.01
O6 MAN F . -34.46 -29.41 -49.24
C1 NAG G . 34.87 22.83 4.20
C2 NAG G . 35.80 23.52 5.19
C3 NAG G . 37.09 23.90 4.48
C4 NAG G . 37.73 22.65 3.91
C5 NAG G . 36.74 21.88 3.02
C6 NAG G . 37.27 20.53 2.57
C7 NAG G . 35.66 25.25 6.93
C8 NAG G . 34.90 26.43 7.45
N2 NAG G . 35.18 24.69 5.82
O3 NAG G . 37.95 24.58 5.38
O4 NAG G . 38.91 22.96 3.17
O5 NAG G . 35.51 21.63 3.71
O6 NAG G . 38.62 20.61 2.15
O7 NAG G . 36.67 24.83 7.48
C1 NAG G . 39.98 22.78 4.15
C2 NAG G . 41.28 22.37 3.49
C3 NAG G . 42.35 22.21 4.56
C4 NAG G . 42.48 23.50 5.37
C5 NAG G . 41.13 23.93 5.92
C6 NAG G . 41.17 25.29 6.60
C7 NAG G . 41.95 20.79 1.74
C8 NAG G . 41.65 19.49 1.05
N2 NAG G . 41.13 21.15 2.72
O3 NAG G . 43.60 21.88 3.95
O4 NAG G . 43.37 23.31 6.47
O5 NAG G . 40.17 24.03 4.85
O6 NAG G . 39.86 25.74 6.93
O7 NAG G . 42.91 21.49 1.41
C1 BMA G . 44.68 23.81 6.16
C2 BMA G . 45.66 22.73 6.61
C3 BMA G . 47.11 23.14 6.34
C4 BMA G . 47.26 24.27 5.28
C5 BMA G . 46.13 24.27 4.20
C6 BMA G . 46.36 23.25 3.07
O2 BMA G . 45.42 21.51 5.92
O3 BMA G . 47.89 22.01 5.95
O4 BMA G . 47.33 25.55 5.92
O5 BMA G . 44.80 24.09 4.76
O6 BMA G . 45.77 22.01 3.47
C1 NAG H . 3.06 -33.48 -44.99
C2 NAG H . 4.58 -33.56 -45.05
C3 NAG H . 5.05 -34.02 -46.43
C4 NAG H . 4.19 -33.44 -47.55
C5 NAG H . 2.70 -33.61 -47.27
C6 NAG H . 1.98 -34.44 -48.32
C7 NAG H . 4.80 -31.07 -45.04
C8 NAG H . 5.60 -29.93 -44.48
N2 NAG H . 5.20 -32.30 -44.65
O3 NAG H . 5.01 -35.44 -46.48
O4 NAG H . 4.52 -32.05 -47.69
O5 NAG H . 2.51 -34.28 -46.01
O6 NAG H . 0.71 -33.87 -48.65
O7 NAG H . 3.87 -30.89 -45.81
C1 NAG H . 5.86 -32.06 -48.26
C2 NAG H . 5.82 -31.11 -49.45
C3 NAG H . 7.18 -31.13 -50.16
C4 NAG H . 8.20 -32.01 -49.44
C5 NAG H . 8.22 -31.79 -47.91
C6 NAG H . 8.99 -30.56 -47.49
C7 NAG H . 3.59 -30.83 -50.41
C8 NAG H . 3.44 -29.65 -49.49
N2 NAG H . 4.75 -31.48 -50.35
O3 NAG H . 7.68 -29.80 -50.27
O4 NAG H . 7.94 -33.39 -49.71
O5 NAG H . 6.89 -31.65 -47.35
O6 NAG H . 8.12 -29.48 -47.18
O7 NAG H . 2.70 -31.19 -51.16
C1 BMA H . 8.88 -34.07 -50.57
C2 BMA H . 8.15 -34.43 -51.89
C3 BMA H . 9.15 -34.64 -53.02
C4 BMA H . 10.56 -35.07 -52.52
C5 BMA H . 11.10 -34.14 -51.39
C6 BMA H . 12.25 -33.26 -51.85
O2 BMA H . 7.27 -33.39 -52.31
O3 BMA H . 9.26 -33.48 -53.84
O4 BMA H . 10.52 -36.42 -52.06
O5 BMA H . 10.03 -33.30 -50.89
O6 BMA H . 11.83 -32.58 -53.03
C1 NAG I . 21.83 8.22 50.55
C2 NAG I . 22.93 7.93 51.59
C3 NAG I . 24.01 6.99 51.04
C4 NAG I . 23.59 6.38 49.71
C5 NAG I . 23.33 7.51 48.71
C6 NAG I . 22.72 7.04 47.41
C7 NAG I . 24.26 10.01 51.37
C8 NAG I . 24.77 11.24 52.09
N2 NAG I . 23.52 9.16 52.10
O3 NAG I . 24.27 5.96 51.99
O4 NAG I . 24.63 5.57 49.21
O5 NAG I . 22.44 8.50 49.25
O6 NAG I . 23.65 7.14 46.35
O7 NAG I . 24.52 9.82 50.19
C1 NAG I . 24.31 4.17 49.36
C2 NAG I . 23.62 3.73 48.08
C3 NAG I . 24.58 3.78 46.91
C4 NAG I . 25.80 2.92 47.19
C5 NAG I . 26.44 3.20 48.54
C6 NAG I . 27.33 4.43 48.56
C7 NAG I . 21.95 2.12 48.92
C8 NAG I . 21.53 0.68 48.95
N2 NAG I . 23.06 2.39 48.22
O3 NAG I . 24.99 5.13 46.65
O4 NAG I . 25.44 1.55 47.11
O5 NAG I . 25.47 3.35 49.61
O6 NAG I . 28.63 4.14 48.06
O7 NAG I . 21.31 3.00 49.49
C1 BMA I . 26.56 0.75 47.52
C2 BMA I . 25.97 -0.63 47.97
C3 BMA I . 26.62 -1.88 47.28
C4 BMA I . 27.94 -1.62 46.47
C5 BMA I . 28.51 -0.25 46.74
C6 BMA I . 29.69 0.09 45.84
O2 BMA I . 24.57 -0.68 47.67
O3 BMA I . 25.67 -2.58 46.48
O4 BMA I . 28.90 -2.62 46.80
O5 BMA I . 27.48 0.65 46.47
O6 BMA I . 30.63 -0.96 45.92
CA CA J . 27.82 22.90 24.72
CA CA K . -3.64 -2.39 15.03
CA CA L . -27.03 -8.57 -14.16
NA NA M . -30.75 -6.61 -5.63
C1 NAG N . 27.52 37.18 33.63
C2 NAG N . 28.76 38.07 33.39
C3 NAG N . 29.15 38.82 34.66
C4 NAG N . 27.96 39.59 35.21
C5 NAG N . 26.81 38.63 35.47
C6 NAG N . 25.56 39.32 35.93
C7 NAG N . 30.88 37.80 32.17
C8 NAG N . 31.97 36.86 31.77
N2 NAG N . 29.88 37.28 32.90
O3 NAG N . 30.22 39.71 34.38
O4 NAG N . 28.31 40.24 36.44
O5 NAG N . 26.47 37.97 34.23
O6 NAG N . 24.93 40.01 34.86
O7 NAG N . 30.89 38.99 31.85
N LYS O . 50.40 41.87 -6.37
CA LYS O . 50.36 43.31 -6.60
C LYS O . 50.63 44.08 -5.32
O LYS O . 51.77 44.43 -5.01
CB LYS O . 49.01 43.73 -7.18
CG LYS O . 48.80 43.35 -8.64
CD LYS O . 47.45 43.87 -9.13
CE LYS O . 47.40 43.96 -10.65
NZ LYS O . 46.16 44.66 -11.10
CA CA P . -22.69 -24.17 -27.01
CA CA Q . 9.18 -1.38 -13.63
CA CA R . 14.19 28.68 7.32
NA NA S . 17.83 28.19 -2.57
CA CA T . 35.73 23.70 -21.63
NA NA U . -11.50 -16.26 -51.66
CA CA V . 11.35 -9.29 -27.90
CA CA W . -7.06 -15.80 -61.85
NA NA X . 30.38 18.35 -13.46
CA CA Y . -36.73 -19.85 20.04
NA NA Z . -28.24 -17.58 13.50
CA CA AA . -0.46 -1.86 30.60
CA CA BA . 9.23 10.55 67.28
NA NA CA . 7.58 9.27 56.95
#